data_3NKQ
#
_entry.id   3NKQ
#
_cell.length_a   61.522
_cell.length_b   94.528
_cell.length_c   75.577
_cell.angle_alpha   90.000
_cell.angle_beta   94.810
_cell.angle_gamma   90.000
#
_symmetry.space_group_name_H-M   'P 1 21 1'
#
loop_
_entity.id
_entity.type
_entity.pdbx_description
1 polymer 'Ectonucleotide pyrophosphatase/phosphodiesterase family member 2'
2 branched 2-acetamido-2-deoxy-beta-D-glucopyranose-(1-4)-2-acetamido-2-deoxy-beta-D-glucopyranose
3 branched alpha-D-mannopyranose-(1-2)-alpha-D-mannopyranose-(1-3)-alpha-D-mannopyranose-(1-6)-beta-D-mannopyranose-(1-4)-2-acetamido-2-deoxy-beta-D-glucopyranose-(1-4)-2-acetamido-2-deoxy-beta-D-glucopyranose
4 non-polymer 'ZINC ION'
5 non-polymer 'CALCIUM ION'
6 non-polymer 'SODIUM ION'
7 non-polymer 'POTASSIUM ION'
8 non-polymer '(2R)-2-hydroxy-3-(phosphonooxy)propyl (9E,12Z,15Z)-octadeca-9,12,15-trienoate'
9 non-polymer 'THIOCYANATE ION'
10 non-polymer 1,2-ETHANEDIOL
11 water water
#
_entity_poly.entity_id   1
_entity_poly.type   'polypeptide(L)'
_entity_poly.pdbx_seq_one_letter_code
;AEWDEGPPTVLSDSPWTNTSGSCKGRCFELQEVGPPDCRCDNLCKSYSSCCHDFDELCLKTARGWECTKDRCGEVRNEEN
ACHCSEDCLSRGDCCTNYQVVCKGESHWVDDDCEEIRVPECPAGFVRPPLIIFSVDGFRASYMKKGSKVMPNIEKLRSCG
THAPYMRPVYPTKTFPNLYTLATGLYPESHGIVGNSMYDPVFDATFHLRGREKFNHRWWGGQPLWITATKQGVRAGTFFW
SVSIPHERRILTILQWLSLPDNERPSVYAFYSEQPDFSGHKYGPFGPEMTNPLREIDKTVGQLMDGLKQLKLHRCVNVIF
VGDHGMEDVTCDRTEFLSNYLTNVDDITLVPGTLGRIRPKIPNNLKYDPKAIIANLTCKKPDQHFKPYMKQHLPKRLHYA
NNRRIEDLHLLVERRWHVARKPLDVYKKPSGKCFFQGDHGFDNKVNSMQTVFVGYGPTFKYRTKVPPFENIELYNVMCDL
LGLKPAPNNGTHGSLNHLLRTNTFRPTLPEEVSRPNYPGIMYLQSDFDLGCTCDDKNKLEELNKRLHTKGSTEERHLLYG
RPAVLYRTSYDILYHTDFESGYSEIFLMPLWTSYTISKQAEVSSIPEHLTNCVRPDVRVSPGFSQNCLAYKNDKQMSYGF
LFPPYLSSSPEAKYDAFLVTNMVPMYPAFKRVWTYFQRVLVKKYASERNGVNVISGPIFDYNYNGLRDIEDEIKQYVEGS
SIPVPTHYYSIITSCLDFTQPADKCDGPLSVSSFILPHRPDNDESCNSSEDESKWVEELMKMHTARVRDIEHLTGLDFYR
KTSRSYSEILTLKTYLHTYESEISRENLYFQ
;
_entity_poly.pdbx_strand_id   A
#
loop_
_chem_comp.id
_chem_comp.type
_chem_comp.name
_chem_comp.formula
BMA D-saccharide, beta linking beta-D-mannopyranose 'C6 H12 O6'
CA non-polymer 'CALCIUM ION' 'Ca 2'
EDO non-polymer 1,2-ETHANEDIOL 'C2 H6 O2'
K non-polymer 'POTASSIUM ION' 'K 1'
MAN D-saccharide, alpha linking alpha-D-mannopyranose 'C6 H12 O6'
NA non-polymer 'SODIUM ION' 'Na 1'
NAG D-saccharide, beta linking 2-acetamido-2-deoxy-beta-D-glucopyranose 'C8 H15 N O6'
NKQ non-polymer '(2R)-2-hydroxy-3-(phosphonooxy)propyl (9E,12Z,15Z)-octadeca-9,12,15-trienoate' 'C21 H37 O7 P'
SCN non-polymer 'THIOCYANATE ION' 'C N S -1'
ZN non-polymer 'ZINC ION' 'Zn 2'
#
# COMPACT_ATOMS: atom_id res chain seq x y z
N TRP A 16 -6.43 -23.93 33.11
CA TRP A 16 -7.39 -25.01 32.87
C TRP A 16 -8.79 -24.48 32.59
N THR A 17 -9.43 -25.05 31.58
CA THR A 17 -10.81 -24.69 31.23
C THR A 17 -11.76 -25.85 31.51
N ASN A 18 -12.84 -25.54 32.24
CA ASN A 18 -13.81 -26.54 32.64
C ASN A 18 -14.85 -26.78 31.55
N THR A 19 -14.58 -27.78 30.73
CA THR A 19 -15.41 -28.08 29.58
C THR A 19 -16.77 -28.66 29.94
N SER A 20 -16.94 -28.97 31.23
CA SER A 20 -18.16 -29.64 31.67
C SER A 20 -19.41 -28.78 31.54
N GLY A 21 -19.24 -27.46 31.57
CA GLY A 21 -20.33 -26.51 31.38
C GLY A 21 -21.04 -26.65 30.05
N SER A 22 -22.05 -25.82 29.80
CA SER A 22 -22.88 -25.96 28.61
C SER A 22 -22.99 -24.67 27.80
N CYS A 23 -23.11 -24.80 26.48
CA CYS A 23 -23.34 -23.62 25.64
C CYS A 23 -24.80 -23.34 25.47
N LYS A 24 -25.62 -23.98 26.31
CA LYS A 24 -27.05 -23.70 26.33
C LYS A 24 -27.28 -22.19 26.40
N GLY A 25 -28.02 -21.66 25.42
CA GLY A 25 -28.32 -20.24 25.35
C GLY A 25 -27.08 -19.35 25.34
N ARG A 26 -25.96 -19.89 24.86
CA ARG A 26 -24.71 -19.15 24.85
C ARG A 26 -24.02 -19.15 23.49
N CYS A 27 -24.62 -19.79 22.50
CA CYS A 27 -23.96 -19.95 21.21
C CYS A 27 -23.49 -18.63 20.60
N PHE A 28 -22.21 -18.59 20.25
CA PHE A 28 -21.61 -17.40 19.70
C PHE A 28 -21.96 -16.16 20.51
N GLU A 29 -21.94 -16.29 21.83
CA GLU A 29 -22.09 -15.14 22.70
C GLU A 29 -20.93 -14.19 22.47
N LEU A 30 -21.17 -12.90 22.63
CA LEU A 30 -20.16 -11.90 22.34
C LEU A 30 -19.30 -11.57 23.55
N GLN A 31 -19.86 -11.79 24.73
CA GLN A 31 -19.15 -11.62 26.00
C GLN A 31 -17.87 -12.44 26.04
N GLU A 32 -16.78 -11.83 26.49
CA GLU A 32 -15.50 -12.53 26.63
C GLU A 32 -15.52 -13.44 27.85
N VAL A 33 -15.02 -14.65 27.68
CA VAL A 33 -15.04 -15.64 28.75
C VAL A 33 -13.68 -16.28 28.92
N GLY A 34 -13.07 -16.05 30.08
CA GLY A 34 -11.78 -16.62 30.39
C GLY A 34 -11.92 -17.79 31.33
N PRO A 35 -10.85 -18.57 31.49
CA PRO A 35 -10.86 -19.71 32.42
C PRO A 35 -11.37 -19.28 33.79
N PRO A 36 -11.86 -20.24 34.59
CA PRO A 36 -11.90 -21.66 34.22
C PRO A 36 -13.10 -22.07 33.37
N ASP A 37 -14.11 -21.20 33.24
CA ASP A 37 -15.32 -21.52 32.50
C ASP A 37 -15.06 -21.66 30.99
N CYS A 38 -15.88 -22.51 30.38
CA CYS A 38 -15.75 -22.88 28.97
C CYS A 38 -16.45 -21.89 28.04
N ARG A 39 -16.00 -21.85 26.78
CA ARG A 39 -16.49 -20.87 25.83
C ARG A 39 -17.40 -21.43 24.74
N CYS A 40 -18.11 -20.53 24.05
CA CYS A 40 -19.00 -20.92 22.96
C CYS A 40 -18.88 -19.96 21.76
N ASP A 41 -17.69 -19.41 21.58
CA ASP A 41 -17.41 -18.43 20.52
C ASP A 41 -16.55 -19.05 19.40
N ASN A 42 -16.12 -18.21 18.45
CA ASN A 42 -15.28 -18.69 17.35
C ASN A 42 -13.89 -19.17 17.74
N LEU A 43 -13.29 -18.52 18.71
CA LEU A 43 -11.94 -18.84 19.07
C LEU A 43 -11.88 -20.15 19.86
N CYS A 44 -13.02 -20.64 20.32
CA CYS A 44 -13.01 -21.81 21.20
C CYS A 44 -12.54 -23.08 20.49
N LYS A 45 -13.21 -23.48 19.39
CA LYS A 45 -12.83 -24.72 18.73
C LYS A 45 -11.35 -24.63 18.56
N SER A 46 -10.94 -23.43 18.18
CA SER A 46 -9.56 -23.14 17.90
C SER A 46 -8.67 -23.14 19.15
N TYR A 47 -9.26 -23.00 20.35
CA TYR A 47 -8.50 -22.88 21.60
C TYR A 47 -8.62 -24.06 22.58
N SER A 48 -9.37 -25.10 22.22
CA SER A 48 -9.68 -26.20 23.15
C SER A 48 -10.32 -25.68 24.44
N SER A 49 -11.28 -24.78 24.31
CA SER A 49 -11.93 -24.20 25.47
C SER A 49 -13.44 -24.26 25.31
N CYS A 50 -13.88 -24.93 24.25
CA CYS A 50 -15.32 -25.06 24.01
C CYS A 50 -16.00 -25.87 25.11
N CYS A 51 -17.27 -25.58 25.35
CA CYS A 51 -18.06 -26.42 26.24
C CYS A 51 -18.32 -27.74 25.50
N HIS A 52 -18.64 -28.80 26.24
CA HIS A 52 -18.77 -30.15 25.67
C HIS A 52 -19.88 -30.26 24.61
N ASP A 53 -20.80 -29.32 24.62
CA ASP A 53 -21.94 -29.39 23.72
C ASP A 53 -21.93 -28.23 22.72
N PHE A 54 -20.77 -27.63 22.53
CA PHE A 54 -20.63 -26.55 21.54
C PHE A 54 -21.00 -27.04 20.14
N ASP A 55 -20.32 -28.09 19.67
CA ASP A 55 -20.59 -28.62 18.33
C ASP A 55 -22.05 -29.03 18.17
N GLU A 56 -22.62 -29.65 19.20
CA GLU A 56 -24.01 -30.12 19.16
C GLU A 56 -25.04 -28.99 19.16
N LEU A 57 -24.86 -28.03 20.06
CA LEU A 57 -25.81 -26.93 20.21
C LEU A 57 -25.61 -25.78 19.24
N CYS A 58 -24.37 -25.56 18.82
CA CYS A 58 -24.04 -24.33 18.10
C CYS A 58 -23.74 -24.49 16.62
N LEU A 59 -23.45 -25.73 16.20
CA LEU A 59 -23.09 -25.96 14.82
C LEU A 59 -24.07 -26.90 14.14
N LYS A 60 -25.37 -26.64 14.34
CA LYS A 60 -26.40 -27.46 13.72
C LYS A 60 -26.36 -27.37 12.20
N THR A 61 -26.66 -28.49 11.55
CA THR A 61 -26.61 -28.59 10.09
C THR A 61 -27.91 -29.16 9.52
N ALA A 62 -28.76 -29.66 10.42
CA ALA A 62 -29.97 -30.38 10.04
C ALA A 62 -30.85 -29.62 9.05
N ARG A 63 -31.08 -30.24 7.89
CA ARG A 63 -31.99 -29.74 6.87
C ARG A 63 -31.43 -28.62 6.01
N GLY A 64 -30.14 -28.33 6.16
CA GLY A 64 -29.48 -27.38 5.29
C GLY A 64 -29.80 -25.92 5.57
N TRP A 65 -29.55 -25.07 4.56
CA TRP A 65 -29.51 -23.62 4.77
C TRP A 65 -30.62 -22.85 4.08
N GLU A 66 -31.55 -23.57 3.46
CA GLU A 66 -32.61 -22.94 2.68
C GLU A 66 -34.01 -23.47 3.05
N CYS A 67 -34.97 -22.54 3.15
CA CYS A 67 -36.36 -22.92 3.28
C CYS A 67 -36.86 -23.47 1.95
N THR A 68 -37.60 -24.56 2.01
CA THR A 68 -38.35 -25.10 0.87
C THR A 68 -39.83 -24.95 1.15
N LYS A 69 -40.66 -24.92 0.11
CA LYS A 69 -42.09 -24.69 0.28
C LYS A 69 -42.71 -25.59 1.35
N ASP A 70 -42.21 -26.82 1.44
CA ASP A 70 -42.76 -27.81 2.35
C ASP A 70 -42.37 -27.56 3.80
N ARG A 71 -41.58 -26.52 4.04
CA ARG A 71 -41.18 -26.18 5.41
C ARG A 71 -41.88 -24.96 5.94
N CYS A 72 -42.58 -24.23 5.07
CA CYS A 72 -43.19 -22.97 5.46
C CYS A 72 -44.25 -23.19 6.54
N GLY A 73 -44.21 -22.37 7.58
CA GLY A 73 -45.19 -22.45 8.66
C GLY A 73 -44.95 -23.59 9.63
N GLU A 74 -43.85 -24.31 9.45
CA GLU A 74 -43.56 -25.50 10.24
C GLU A 74 -43.55 -25.20 11.74
N VAL A 75 -43.78 -26.21 12.56
CA VAL A 75 -43.55 -26.06 13.99
C VAL A 75 -42.05 -26.09 14.16
N ARG A 76 -41.54 -25.21 15.01
CA ARG A 76 -40.12 -25.05 15.22
C ARG A 76 -39.43 -26.27 15.80
N ASN A 77 -38.44 -26.78 15.08
CA ASN A 77 -37.59 -27.85 15.56
C ASN A 77 -36.22 -27.24 15.81
N GLU A 78 -35.77 -27.27 17.06
CA GLU A 78 -34.54 -26.63 17.46
C GLU A 78 -33.32 -27.37 16.95
N GLU A 79 -33.54 -28.50 16.28
CA GLU A 79 -32.45 -29.26 15.72
C GLU A 79 -32.04 -28.76 14.34
N ASN A 80 -32.92 -27.96 13.72
CA ASN A 80 -32.65 -27.48 12.37
C ASN A 80 -31.56 -26.41 12.32
N ALA A 81 -30.82 -26.39 11.23
CA ALA A 81 -29.78 -25.39 11.01
C ALA A 81 -30.34 -23.97 10.99
N CYS A 82 -31.45 -23.78 10.30
CA CYS A 82 -32.19 -22.53 10.35
C CYS A 82 -33.67 -22.86 10.22
N HIS A 83 -34.51 -21.86 10.39
CA HIS A 83 -35.93 -22.09 10.60
C HIS A 83 -36.82 -21.42 9.57
N CYS A 84 -38.00 -22.01 9.36
CA CYS A 84 -38.97 -21.47 8.42
C CYS A 84 -40.34 -21.40 9.11
N SER A 85 -40.30 -21.60 10.43
CA SER A 85 -41.49 -21.48 11.27
C SER A 85 -41.92 -20.02 11.41
N GLU A 86 -43.17 -19.83 11.82
CA GLU A 86 -43.79 -18.51 11.84
C GLU A 86 -43.11 -17.52 12.78
N ASP A 87 -42.45 -18.05 13.81
CA ASP A 87 -41.81 -17.20 14.82
C ASP A 87 -40.36 -16.88 14.49
N CYS A 88 -39.83 -17.48 13.42
CA CYS A 88 -38.41 -17.38 13.13
C CYS A 88 -37.94 -15.93 13.02
N LEU A 89 -38.79 -15.08 12.47
CA LEU A 89 -38.42 -13.68 12.22
C LEU A 89 -38.08 -12.91 13.50
N SER A 90 -38.96 -12.95 14.49
CA SER A 90 -38.72 -12.22 15.73
C SER A 90 -37.63 -12.90 16.54
N ARG A 91 -37.40 -14.19 16.25
CA ARG A 91 -36.34 -14.94 16.89
C ARG A 91 -35.00 -14.71 16.20
N GLY A 92 -35.05 -14.10 15.02
CA GLY A 92 -33.87 -13.74 14.27
C GLY A 92 -33.10 -14.91 13.68
N ASP A 93 -33.78 -16.03 13.45
CA ASP A 93 -33.09 -17.22 12.94
C ASP A 93 -33.78 -17.92 11.77
N CYS A 94 -34.47 -17.16 10.93
CA CYS A 94 -35.00 -17.75 9.70
C CYS A 94 -33.84 -18.08 8.77
N CYS A 95 -34.00 -19.11 7.93
CA CYS A 95 -33.10 -19.26 6.79
C CYS A 95 -33.20 -17.96 5.98
N THR A 96 -32.12 -17.55 5.31
CA THR A 96 -32.13 -16.25 4.66
C THR A 96 -33.16 -16.10 3.53
N ASN A 97 -33.60 -17.22 2.96
CA ASN A 97 -34.54 -17.18 1.84
C ASN A 97 -35.97 -17.40 2.29
N TYR A 98 -36.18 -17.31 3.60
CA TYR A 98 -37.49 -17.61 4.19
C TYR A 98 -38.64 -16.82 3.56
N GLN A 99 -38.51 -15.49 3.53
CA GLN A 99 -39.58 -14.66 3.00
C GLN A 99 -39.84 -14.86 1.52
N VAL A 100 -38.79 -15.07 0.74
CA VAL A 100 -38.96 -15.31 -0.68
C VAL A 100 -39.78 -16.58 -0.91
N VAL A 101 -39.43 -17.63 -0.18
CA VAL A 101 -40.07 -18.93 -0.37
C VAL A 101 -41.45 -19.02 0.29
N CYS A 102 -41.58 -18.40 1.46
CA CYS A 102 -42.77 -18.56 2.28
C CYS A 102 -43.74 -17.37 2.30
N LYS A 103 -43.23 -16.17 1.95
CA LYS A 103 -44.06 -14.96 2.01
C LYS A 103 -44.07 -14.21 0.69
N GLY A 104 -43.64 -14.85 -0.39
CA GLY A 104 -43.69 -14.26 -1.72
C GLY A 104 -42.84 -13.02 -1.97
N GLU A 105 -41.85 -12.76 -1.12
CA GLU A 105 -40.94 -11.64 -1.36
C GLU A 105 -39.95 -11.93 -2.48
N SER A 106 -39.25 -10.91 -2.93
CA SER A 106 -38.23 -11.07 -3.96
C SER A 106 -36.83 -11.18 -3.34
N HIS A 107 -35.93 -11.93 -3.98
CA HIS A 107 -34.52 -11.89 -3.60
C HIS A 107 -34.03 -10.45 -3.77
N TRP A 108 -33.09 -10.02 -2.92
CA TRP A 108 -32.53 -8.68 -3.03
C TRP A 108 -31.96 -8.38 -4.43
N VAL A 109 -31.30 -9.36 -5.02
CA VAL A 109 -30.60 -9.15 -6.28
C VAL A 109 -31.59 -8.85 -7.41
N ASP A 110 -32.84 -9.28 -7.24
CA ASP A 110 -33.85 -9.11 -8.28
C ASP A 110 -34.55 -7.74 -8.19
N ASP A 111 -34.30 -7.03 -7.09
CA ASP A 111 -34.84 -5.70 -6.92
C ASP A 111 -34.02 -4.66 -7.65
N ASP A 112 -34.70 -3.72 -8.28
CA ASP A 112 -34.04 -2.60 -8.93
C ASP A 112 -33.12 -1.88 -7.97
N CYS A 113 -32.05 -1.31 -8.51
CA CYS A 113 -31.19 -0.46 -7.71
CA CYS A 113 -31.16 -0.45 -7.75
C CYS A 113 -31.85 0.89 -7.46
N GLU A 114 -31.74 1.36 -6.21
CA GLU A 114 -32.35 2.62 -5.83
C GLU A 114 -31.38 3.35 -4.92
N GLU A 115 -31.10 4.60 -5.24
CA GLU A 115 -30.20 5.40 -4.44
C GLU A 115 -30.63 5.47 -2.96
N ILE A 116 -29.67 5.28 -2.06
CA ILE A 116 -29.92 5.40 -0.63
C ILE A 116 -29.31 6.70 -0.15
N ARG A 117 -30.13 7.75 -0.07
CA ARG A 117 -29.62 9.07 0.25
C ARG A 117 -29.34 9.28 1.74
N VAL A 118 -30.09 8.58 2.59
CA VAL A 118 -29.86 8.62 4.02
C VAL A 118 -30.14 7.23 4.54
N PRO A 119 -29.53 6.86 5.69
CA PRO A 119 -29.80 5.52 6.21
C PRO A 119 -31.29 5.33 6.50
N GLU A 120 -31.82 4.18 6.12
CA GLU A 120 -33.20 3.81 6.43
C GLU A 120 -33.16 2.65 7.42
N CYS A 121 -33.11 2.99 8.69
CA CYS A 121 -32.83 2.01 9.73
C CYS A 121 -34.02 1.82 10.66
N PRO A 122 -34.19 0.62 11.20
CA PRO A 122 -35.30 0.32 12.10
C PRO A 122 -35.18 1.12 13.38
N ALA A 123 -36.24 1.10 14.17
CA ALA A 123 -36.24 1.75 15.47
C ALA A 123 -35.07 1.24 16.29
N GLY A 124 -34.31 2.14 16.90
CA GLY A 124 -33.28 1.73 17.85
C GLY A 124 -31.88 1.72 17.28
N PHE A 125 -31.78 1.71 15.95
CA PHE A 125 -30.49 1.88 15.28
C PHE A 125 -30.13 3.37 15.25
N VAL A 126 -28.95 3.70 15.77
CA VAL A 126 -28.51 5.07 15.92
C VAL A 126 -27.58 5.45 14.79
N ARG A 127 -26.88 4.46 14.24
CA ARG A 127 -25.92 4.68 13.16
C ARG A 127 -25.93 3.45 12.27
N PRO A 128 -25.57 3.62 10.99
CA PRO A 128 -25.55 2.48 10.07
C PRO A 128 -24.46 1.48 10.46
N PRO A 129 -24.82 0.22 10.71
CA PRO A 129 -23.77 -0.78 10.96
C PRO A 129 -22.86 -0.90 9.74
N LEU A 130 -21.66 -1.42 9.97
CA LEU A 130 -20.70 -1.65 8.88
C LEU A 130 -20.43 -3.15 8.83
N ILE A 131 -20.58 -3.75 7.65
CA ILE A 131 -20.25 -5.16 7.47
C ILE A 131 -19.11 -5.24 6.47
N ILE A 132 -18.01 -5.87 6.87
CA ILE A 132 -16.86 -6.00 5.97
C ILE A 132 -16.93 -7.45 5.48
N PHE A 133 -17.07 -7.63 4.16
CA PHE A 133 -17.21 -8.95 3.59
C PHE A 133 -15.91 -9.18 2.82
N SER A 134 -14.99 -9.96 3.40
CA SER A 134 -13.65 -10.10 2.81
C SER A 134 -13.55 -11.42 2.08
N VAL A 135 -12.91 -11.38 0.91
CA VAL A 135 -12.76 -12.57 0.11
C VAL A 135 -11.27 -12.79 -0.19
N ASP A 136 -10.82 -14.02 -0.07
CA ASP A 136 -9.38 -14.28 -0.18
C ASP A 136 -9.02 -14.55 -1.64
N GLY A 137 -7.99 -13.89 -2.14
CA GLY A 137 -7.49 -14.22 -3.47
C GLY A 137 -8.40 -13.79 -4.61
N PHE A 138 -9.29 -12.84 -4.34
CA PHE A 138 -10.18 -12.29 -5.36
C PHE A 138 -9.46 -11.28 -6.25
N ARG A 139 -9.00 -11.75 -7.40
CA ARG A 139 -8.36 -10.88 -8.37
C ARG A 139 -9.33 -9.84 -8.92
N ALA A 140 -8.82 -8.62 -9.09
CA ALA A 140 -9.67 -7.52 -9.54
C ALA A 140 -10.38 -7.89 -10.82
N SER A 141 -9.66 -8.55 -11.71
CA SER A 141 -10.21 -8.83 -13.03
C SER A 141 -11.37 -9.83 -12.97
N TYR A 142 -11.51 -10.54 -11.85
CA TYR A 142 -12.65 -11.46 -11.74
C TYR A 142 -13.97 -10.72 -11.85
N MET A 143 -13.97 -9.44 -11.47
CA MET A 143 -15.20 -8.65 -11.52
C MET A 143 -15.78 -8.57 -12.94
N LYS A 144 -14.91 -8.72 -13.93
CA LYS A 144 -15.36 -8.67 -15.33
C LYS A 144 -16.29 -9.81 -15.71
N LYS A 145 -16.35 -10.85 -14.87
CA LYS A 145 -17.25 -11.96 -15.13
C LYS A 145 -18.69 -11.50 -15.01
N GLY A 146 -18.91 -10.47 -14.19
CA GLY A 146 -20.17 -9.75 -14.21
C GLY A 146 -21.36 -10.53 -13.70
N SER A 147 -22.56 -10.04 -14.00
CA SER A 147 -23.78 -10.61 -13.44
C SER A 147 -24.07 -12.02 -13.93
N LYS A 148 -23.39 -12.45 -14.98
CA LYS A 148 -23.61 -13.79 -15.48
C LYS A 148 -23.09 -14.81 -14.48
N VAL A 149 -22.09 -14.42 -13.73
CA VAL A 149 -21.54 -15.35 -12.77
C VAL A 149 -21.84 -14.89 -11.35
N MET A 150 -21.84 -13.56 -11.15
CA MET A 150 -21.90 -13.00 -9.78
C MET A 150 -22.95 -11.90 -9.69
N PRO A 151 -24.24 -12.27 -9.79
CA PRO A 151 -25.23 -11.21 -9.90
C PRO A 151 -25.39 -10.31 -8.65
N ASN A 152 -25.29 -10.88 -7.45
CA ASN A 152 -25.33 -10.08 -6.23
C ASN A 152 -24.16 -9.10 -6.12
N ILE A 153 -22.97 -9.61 -6.38
CA ILE A 153 -21.78 -8.77 -6.30
C ILE A 153 -21.82 -7.70 -7.39
N GLU A 154 -22.29 -8.08 -8.56
CA GLU A 154 -22.42 -7.11 -9.64
C GLU A 154 -23.36 -5.97 -9.31
N LYS A 155 -24.43 -6.27 -8.56
CA LYS A 155 -25.35 -5.24 -8.13
C LYS A 155 -24.68 -4.31 -7.09
N LEU A 156 -23.95 -4.90 -6.15
CA LEU A 156 -23.20 -4.08 -5.22
C LEU A 156 -22.25 -3.16 -5.98
N ARG A 157 -21.52 -3.73 -6.95
CA ARG A 157 -20.53 -2.98 -7.71
C ARG A 157 -21.13 -1.85 -8.55
N SER A 158 -22.15 -2.18 -9.32
CA SER A 158 -22.73 -1.22 -10.25
C SER A 158 -23.53 -0.12 -9.52
N CYS A 159 -24.19 -0.48 -8.42
CA CYS A 159 -25.04 0.49 -7.75
CA CYS A 159 -25.09 0.44 -7.71
C CYS A 159 -24.36 1.28 -6.67
N GLY A 160 -23.30 0.71 -6.08
CA GLY A 160 -22.54 1.44 -5.10
C GLY A 160 -21.36 2.21 -5.67
N THR A 161 -20.27 2.19 -4.89
CA THR A 161 -19.01 2.86 -5.21
C THR A 161 -17.96 1.78 -5.39
N HIS A 162 -17.28 1.79 -6.53
CA HIS A 162 -16.28 0.76 -6.81
C HIS A 162 -15.01 1.38 -7.36
N ALA A 163 -13.90 0.75 -7.04
CA ALA A 163 -12.62 1.02 -7.70
C ALA A 163 -12.41 -0.07 -8.76
N PRO A 164 -11.67 0.27 -9.82
CA PRO A 164 -11.34 -0.78 -10.80
C PRO A 164 -10.46 -1.84 -10.17
N TYR A 165 -9.67 -1.45 -9.17
CA TYR A 165 -8.91 -2.39 -8.36
C TYR A 165 -8.39 -1.67 -7.13
N MET A 166 -7.98 -2.45 -6.14
CA MET A 166 -7.33 -1.94 -4.95
C MET A 166 -5.98 -2.60 -4.84
N ARG A 167 -4.96 -1.81 -4.51
CA ARG A 167 -3.59 -2.31 -4.40
C ARG A 167 -3.33 -2.87 -3.00
N PRO A 168 -2.86 -4.11 -2.94
CA PRO A 168 -2.54 -4.77 -1.67
C PRO A 168 -1.16 -4.28 -1.19
N VAL A 169 -0.69 -4.77 -0.04
CA VAL A 169 0.68 -4.46 0.35
C VAL A 169 1.55 -5.67 0.01
N TYR A 170 2.86 -5.42 -0.03
CA TYR A 170 3.83 -6.49 -0.26
C TYR A 170 4.28 -7.02 1.11
N PRO A 171 4.47 -8.35 1.22
CA PRO A 171 4.22 -9.37 0.20
C PRO A 171 2.72 -9.59 0.01
N THR A 172 2.33 -9.92 -1.21
CA THR A 172 0.90 -10.01 -1.52
C THR A 172 0.32 -11.37 -1.13
N LYS A 173 0.41 -11.65 0.18
CA LYS A 173 -0.15 -12.84 0.79
C LYS A 173 -1.16 -12.47 1.86
N THR A 174 -1.83 -13.48 2.38
CA THR A 174 -3.04 -13.25 3.20
C THR A 174 -2.81 -12.57 4.53
N PHE A 175 -1.92 -13.12 5.33
CA PHE A 175 -1.74 -12.55 6.67
C PHE A 175 -1.31 -11.09 6.66
N PRO A 176 -0.26 -10.74 5.89
CA PRO A 176 0.15 -9.35 5.86
C PRO A 176 -0.98 -8.43 5.39
N ASN A 177 -1.75 -8.87 4.40
CA ASN A 177 -2.81 -8.00 3.89
C ASN A 177 -4.07 -7.85 4.74
N LEU A 178 -4.54 -8.95 5.27
CA LEU A 178 -5.71 -8.84 6.16
C LEU A 178 -5.35 -7.97 7.36
N TYR A 179 -4.15 -8.13 7.92
CA TYR A 179 -3.85 -7.29 9.09
C TYR A 179 -3.60 -5.83 8.69
N THR A 180 -3.09 -5.60 7.49
CA THR A 180 -3.00 -4.24 6.96
C THR A 180 -4.40 -3.63 6.80
N LEU A 181 -5.34 -4.38 6.21
CA LEU A 181 -6.73 -3.88 6.15
C LEU A 181 -7.20 -3.46 7.54
N ALA A 182 -6.93 -4.28 8.56
CA ALA A 182 -7.43 -4.02 9.92
C ALA A 182 -6.78 -2.86 10.64
N THR A 183 -5.56 -2.47 10.23
CA THR A 183 -4.78 -1.49 10.98
C THR A 183 -4.37 -0.21 10.25
N GLY A 184 -4.45 -0.19 8.92
CA GLY A 184 -3.91 0.94 8.19
C GLY A 184 -2.40 1.03 8.15
N LEU A 185 -1.72 -0.04 8.55
CA LEU A 185 -0.27 0.00 8.67
C LEU A 185 0.44 -0.87 7.62
N TYR A 186 1.62 -0.44 7.20
CA TYR A 186 2.49 -1.36 6.43
C TYR A 186 2.87 -2.53 7.34
N PRO A 187 3.08 -3.71 6.73
CA PRO A 187 3.52 -4.88 7.48
C PRO A 187 4.77 -4.60 8.32
N GLU A 188 5.69 -3.74 7.85
CA GLU A 188 6.94 -3.53 8.59
C GLU A 188 6.62 -2.85 9.91
N SER A 189 5.46 -2.20 9.97
CA SER A 189 5.05 -1.51 11.17
C SER A 189 4.11 -2.36 12.00
N HIS A 190 3.13 -3.05 11.40
CA HIS A 190 2.31 -3.96 12.18
C HIS A 190 2.94 -5.28 12.64
N GLY A 191 4.02 -5.66 11.94
CA GLY A 191 4.79 -6.83 12.34
C GLY A 191 4.47 -8.16 11.65
N ILE A 192 3.32 -8.26 10.95
CA ILE A 192 2.97 -9.51 10.30
C ILE A 192 3.55 -9.39 8.89
N VAL A 193 4.86 -9.63 8.79
CA VAL A 193 5.60 -9.31 7.55
C VAL A 193 5.54 -10.49 6.57
N GLY A 194 4.98 -11.60 7.00
CA GLY A 194 4.72 -12.73 6.13
C GLY A 194 3.73 -13.71 6.71
N ASN A 195 3.22 -14.64 5.89
CA ASN A 195 2.43 -15.78 6.41
C ASN A 195 3.29 -16.64 7.32
N SER A 196 4.60 -16.61 7.07
CA SER A 196 5.58 -17.26 7.91
C SER A 196 6.67 -16.25 8.23
N MET A 197 7.13 -16.26 9.48
CA MET A 197 8.26 -15.40 9.84
C MET A 197 9.04 -15.92 11.05
N TYR A 198 10.30 -15.53 11.11
CA TYR A 198 11.14 -15.85 12.25
C TYR A 198 11.50 -14.59 12.98
N ASP A 199 11.23 -14.53 14.29
CA ASP A 199 11.65 -13.37 15.05
C ASP A 199 12.93 -13.70 15.85
N PRO A 200 14.04 -13.06 15.51
CA PRO A 200 15.34 -13.45 16.10
C PRO A 200 15.43 -13.13 17.58
N VAL A 201 14.64 -12.18 18.05
CA VAL A 201 14.61 -11.86 19.47
C VAL A 201 13.74 -12.85 20.25
N PHE A 202 12.54 -13.14 19.76
CA PHE A 202 11.76 -14.23 20.33
C PHE A 202 12.45 -15.60 20.16
N ASP A 203 13.31 -15.71 19.14
CA ASP A 203 13.79 -17.01 18.66
C ASP A 203 12.60 -17.93 18.50
N ALA A 204 11.62 -17.51 17.70
CA ALA A 204 10.42 -18.31 17.51
C ALA A 204 9.90 -18.08 16.12
N THR A 205 9.09 -19.03 15.66
CA THR A 205 8.61 -19.01 14.30
C THR A 205 7.10 -18.98 14.27
N PHE A 206 6.58 -18.05 13.48
CA PHE A 206 5.15 -17.86 13.24
C PHE A 206 4.79 -18.58 11.95
N HIS A 207 3.77 -19.42 11.98
CA HIS A 207 3.28 -20.10 10.78
C HIS A 207 1.77 -19.97 10.66
N LEU A 208 1.25 -20.03 9.44
CA LEU A 208 -0.18 -20.10 9.20
C LEU A 208 -0.79 -21.15 10.10
N ARG A 209 -0.17 -22.32 10.05
CA ARG A 209 -0.60 -23.48 10.81
C ARG A 209 0.07 -23.46 12.17
N GLY A 210 -0.64 -23.90 13.19
CA GLY A 210 -0.01 -23.99 14.49
C GLY A 210 -0.43 -22.88 15.42
N ARG A 211 -0.07 -23.00 16.69
CA ARG A 211 -0.63 -22.16 17.74
C ARG A 211 0.16 -20.88 18.05
N GLU A 212 1.43 -20.84 17.63
CA GLU A 212 2.28 -19.68 17.89
C GLU A 212 1.65 -18.34 17.42
N LYS A 213 0.98 -18.36 16.28
CA LYS A 213 0.33 -17.16 15.74
C LYS A 213 -0.73 -16.60 16.71
N PHE A 214 -1.21 -17.44 17.64
CA PHE A 214 -2.20 -16.95 18.61
C PHE A 214 -1.63 -16.06 19.69
N ASN A 215 -0.32 -16.12 19.88
CA ASN A 215 0.33 -15.26 20.87
C ASN A 215 0.29 -13.79 20.41
N HIS A 216 -0.18 -12.90 21.29
CA HIS A 216 -0.34 -11.49 20.94
C HIS A 216 0.95 -10.72 20.67
N ARG A 217 2.08 -11.27 21.10
CA ARG A 217 3.36 -10.59 20.92
C ARG A 217 3.69 -10.33 19.45
N TRP A 218 3.13 -11.14 18.54
CA TRP A 218 3.40 -10.92 17.11
C TRP A 218 2.68 -9.72 16.51
N TRP A 219 1.57 -9.32 17.11
CA TRP A 219 0.61 -8.44 16.46
C TRP A 219 0.66 -6.99 16.95
N GLY A 220 1.22 -6.10 16.12
CA GLY A 220 1.37 -4.68 16.45
C GLY A 220 0.24 -3.77 16.00
N GLY A 221 0.43 -2.47 16.22
CA GLY A 221 -0.56 -1.49 15.82
C GLY A 221 -1.85 -1.69 16.59
N GLN A 222 -2.96 -1.19 16.05
CA GLN A 222 -4.23 -1.29 16.75
C GLN A 222 -5.32 -1.59 15.71
N PRO A 223 -5.74 -2.86 15.65
CA PRO A 223 -6.68 -3.29 14.61
C PRO A 223 -8.07 -2.68 14.88
N LEU A 224 -8.90 -2.62 13.84
CA LEU A 224 -10.18 -1.92 13.92
C LEU A 224 -11.05 -2.36 15.10
N TRP A 225 -11.06 -3.65 15.41
CA TRP A 225 -11.91 -4.12 16.51
C TRP A 225 -11.50 -3.57 17.87
N ILE A 226 -10.18 -3.43 18.08
CA ILE A 226 -9.71 -2.81 19.32
C ILE A 226 -9.99 -1.31 19.33
N THR A 227 -9.80 -0.66 18.19
CA THR A 227 -10.07 0.76 18.10
C THR A 227 -11.56 0.99 18.41
N ALA A 228 -12.42 0.16 17.84
CA ALA A 228 -13.85 0.27 18.08
C ALA A 228 -14.12 0.11 19.57
N THR A 229 -13.64 -0.99 20.13
CA THR A 229 -13.91 -1.32 21.53
C THR A 229 -13.42 -0.25 22.51
N LYS A 230 -12.21 0.27 22.28
CA LYS A 230 -11.67 1.31 23.15
C LYS A 230 -12.49 2.61 23.10
N GLN A 231 -13.17 2.83 21.99
CA GLN A 231 -14.03 4.00 21.86
C GLN A 231 -15.51 3.68 22.11
N GLY A 232 -15.77 2.55 22.75
CA GLY A 232 -17.13 2.19 23.15
C GLY A 232 -18.04 1.85 21.99
N VAL A 233 -17.46 1.35 20.90
CA VAL A 233 -18.25 0.82 19.80
C VAL A 233 -18.05 -0.70 19.73
N ARG A 234 -19.16 -1.44 19.75
CA ARG A 234 -19.05 -2.88 19.89
C ARG A 234 -18.80 -3.55 18.54
N ALA A 235 -17.94 -4.56 18.54
CA ALA A 235 -17.58 -5.29 17.31
C ALA A 235 -18.02 -6.75 17.37
N GLY A 236 -18.51 -7.30 16.27
CA GLY A 236 -18.67 -8.73 16.13
C GLY A 236 -17.28 -9.34 15.97
N THR A 237 -17.19 -10.66 15.79
CA THR A 237 -15.90 -11.34 15.66
C THR A 237 -15.19 -10.96 14.34
N PHE A 238 -13.87 -10.88 14.37
CA PHE A 238 -13.14 -10.67 13.12
C PHE A 238 -12.37 -11.93 12.81
N PHE A 239 -12.70 -13.00 13.55
CA PHE A 239 -12.07 -14.29 13.35
C PHE A 239 -13.13 -15.35 13.27
N TRP A 240 -13.02 -16.23 12.29
CA TRP A 240 -13.96 -17.34 12.17
C TRP A 240 -13.15 -18.62 12.13
N SER A 241 -13.57 -19.62 12.89
CA SER A 241 -12.93 -20.94 12.88
C SER A 241 -13.16 -21.58 11.53
N VAL A 242 -12.12 -22.25 11.02
CA VAL A 242 -12.19 -22.87 9.71
C VAL A 242 -13.31 -23.91 9.65
N SER A 243 -13.68 -24.47 10.79
CA SER A 243 -14.68 -25.53 10.82
C SER A 243 -16.12 -25.02 10.68
N ILE A 244 -16.30 -23.71 10.69
CA ILE A 244 -17.65 -23.14 10.68
C ILE A 244 -18.05 -22.76 9.26
N PRO A 245 -19.07 -23.44 8.71
CA PRO A 245 -19.40 -23.21 7.30
C PRO A 245 -19.84 -21.77 7.03
N HIS A 246 -19.69 -21.31 5.79
CA HIS A 246 -20.00 -19.92 5.48
C HIS A 246 -21.43 -19.52 5.79
N GLU A 247 -22.36 -20.45 5.54
CA GLU A 247 -23.78 -20.19 5.79
C GLU A 247 -24.05 -19.88 7.27
N ARG A 248 -23.36 -20.59 8.15
CA ARG A 248 -23.44 -20.38 9.59
C ARG A 248 -22.81 -19.05 9.97
N ARG A 249 -21.70 -18.68 9.33
CA ARG A 249 -21.13 -17.37 9.57
C ARG A 249 -22.13 -16.27 9.26
N ILE A 250 -22.82 -16.39 8.13
CA ILE A 250 -23.83 -15.41 7.73
C ILE A 250 -25.01 -15.40 8.70
N LEU A 251 -25.51 -16.57 9.05
CA LEU A 251 -26.65 -16.65 9.99
C LEU A 251 -26.28 -16.02 11.34
N THR A 252 -25.03 -16.20 11.74
CA THR A 252 -24.55 -15.69 13.01
C THR A 252 -24.54 -14.18 12.96
N ILE A 253 -24.02 -13.59 11.88
CA ILE A 253 -24.03 -12.15 11.75
C ILE A 253 -25.45 -11.61 11.80
N LEU A 254 -26.36 -12.28 11.08
CA LEU A 254 -27.74 -11.80 11.05
C LEU A 254 -28.38 -11.92 12.44
N GLN A 255 -28.03 -12.97 13.17
CA GLN A 255 -28.51 -13.18 14.54
C GLN A 255 -28.01 -12.05 15.43
N TRP A 256 -26.74 -11.70 15.32
CA TRP A 256 -26.22 -10.61 16.14
C TRP A 256 -26.93 -9.29 15.82
N LEU A 257 -27.29 -9.06 14.55
CA LEU A 257 -27.94 -7.83 14.16
C LEU A 257 -29.38 -7.76 14.68
N SER A 258 -29.90 -8.91 15.10
CA SER A 258 -31.25 -8.97 15.65
C SER A 258 -31.25 -8.84 17.17
N LEU A 259 -30.07 -8.71 17.75
CA LEU A 259 -29.95 -8.62 19.20
C LEU A 259 -30.58 -7.33 19.76
N PRO A 260 -30.83 -7.31 21.08
CA PRO A 260 -31.32 -6.11 21.76
C PRO A 260 -30.42 -4.90 21.51
N ASP A 261 -31.02 -3.73 21.44
CA ASP A 261 -30.26 -2.49 21.24
C ASP A 261 -28.99 -2.44 22.10
N ASN A 262 -29.07 -2.96 23.33
CA ASN A 262 -27.93 -2.82 24.24
C ASN A 262 -26.89 -3.92 24.09
N GLU A 263 -27.08 -4.80 23.12
CA GLU A 263 -26.11 -5.87 22.90
C GLU A 263 -25.53 -5.81 21.49
N ARG A 264 -26.28 -5.20 20.58
CA ARG A 264 -26.02 -5.39 19.14
C ARG A 264 -24.72 -4.72 18.70
N PRO A 265 -23.82 -5.45 17.99
CA PRO A 265 -22.62 -4.76 17.50
C PRO A 265 -22.86 -3.76 16.37
N SER A 266 -21.89 -2.86 16.19
CA SER A 266 -21.95 -1.86 15.13
C SER A 266 -21.10 -2.27 13.92
N VAL A 267 -20.08 -3.08 14.16
CA VAL A 267 -19.21 -3.54 13.06
C VAL A 267 -19.09 -5.06 13.03
N TYR A 268 -19.07 -5.63 11.81
CA TYR A 268 -19.11 -7.06 11.61
C TYR A 268 -18.12 -7.36 10.49
N ALA A 269 -17.56 -8.56 10.53
CA ALA A 269 -16.69 -9.06 9.46
C ALA A 269 -17.09 -10.47 9.06
N PHE A 270 -17.05 -10.72 7.75
CA PHE A 270 -17.21 -12.04 7.21
C PHE A 270 -15.93 -12.28 6.43
N TYR A 271 -15.46 -13.52 6.44
CA TYR A 271 -14.27 -13.92 5.67
C TYR A 271 -14.55 -15.22 4.91
N SER A 272 -14.10 -15.28 3.66
CA SER A 272 -14.18 -16.49 2.85
C SER A 272 -12.79 -16.83 2.35
N GLU A 273 -12.41 -18.09 2.47
CA GLU A 273 -11.10 -18.56 1.99
C GLU A 273 -11.13 -18.75 0.48
N GLN A 274 -12.31 -18.63 -0.11
CA GLN A 274 -12.43 -18.62 -1.57
C GLN A 274 -12.50 -17.17 -2.12
N PRO A 275 -12.09 -16.94 -3.37
CA PRO A 275 -11.68 -17.91 -4.41
C PRO A 275 -10.18 -18.28 -4.39
N ASP A 276 -9.50 -17.99 -3.30
CA ASP A 276 -8.07 -18.30 -3.17
C ASP A 276 -7.76 -19.78 -3.33
N PHE A 277 -8.44 -20.62 -2.55
CA PHE A 277 -8.17 -22.04 -2.62
C PHE A 277 -8.28 -22.55 -4.05
N SER A 278 -9.37 -22.21 -4.72
CA SER A 278 -9.53 -22.69 -6.08
C SER A 278 -8.53 -22.05 -7.06
N GLY A 279 -8.20 -20.79 -6.83
CA GLY A 279 -7.17 -20.14 -7.64
C GLY A 279 -5.83 -20.88 -7.60
N HIS A 280 -5.39 -21.30 -6.42
CA HIS A 280 -4.17 -22.09 -6.30
C HIS A 280 -4.21 -23.40 -7.09
N LYS A 281 -5.34 -24.09 -7.01
CA LYS A 281 -5.47 -25.40 -7.66
C LYS A 281 -5.53 -25.29 -9.17
N TYR A 282 -6.29 -24.31 -9.64
CA TYR A 282 -6.66 -24.28 -11.06
C TYR A 282 -6.08 -23.12 -11.85
N GLY A 283 -5.51 -22.15 -11.17
CA GLY A 283 -5.02 -20.95 -11.80
C GLY A 283 -6.14 -19.94 -11.98
N PRO A 284 -5.81 -18.67 -12.19
CA PRO A 284 -6.85 -17.62 -12.19
C PRO A 284 -7.74 -17.63 -13.42
N PHE A 285 -7.26 -18.21 -14.52
CA PHE A 285 -8.05 -18.25 -15.77
C PHE A 285 -8.71 -19.59 -16.05
N GLY A 286 -8.64 -20.51 -15.09
CA GLY A 286 -9.25 -21.82 -15.23
C GLY A 286 -10.77 -21.75 -15.37
N PRO A 287 -11.34 -22.62 -16.20
CA PRO A 287 -12.80 -22.70 -16.22
C PRO A 287 -13.31 -23.14 -14.85
N GLU A 288 -12.47 -23.84 -14.10
CA GLU A 288 -12.86 -24.30 -12.78
C GLU A 288 -13.14 -23.17 -11.77
N MET A 289 -12.78 -21.93 -12.12
CA MET A 289 -12.95 -20.81 -11.20
C MET A 289 -14.40 -20.31 -11.19
N THR A 290 -15.17 -20.71 -12.18
CA THR A 290 -16.53 -20.21 -12.22
C THR A 290 -17.35 -20.67 -11.00
N ASN A 291 -17.21 -21.94 -10.63
CA ASN A 291 -18.03 -22.45 -9.52
C ASN A 291 -17.78 -21.75 -8.18
N PRO A 292 -16.51 -21.56 -7.79
CA PRO A 292 -16.31 -20.89 -6.50
C PRO A 292 -16.79 -19.45 -6.50
N LEU A 293 -16.69 -18.79 -7.64
CA LEU A 293 -17.22 -17.44 -7.75
C LEU A 293 -18.74 -17.42 -7.64
N ARG A 294 -19.41 -18.41 -8.24
CA ARG A 294 -20.87 -18.48 -8.06
C ARG A 294 -21.21 -18.71 -6.59
N GLU A 295 -20.39 -19.51 -5.94
CA GLU A 295 -20.65 -19.84 -4.53
C GLU A 295 -20.49 -18.63 -3.60
N ILE A 296 -19.44 -17.84 -3.82
CA ILE A 296 -19.30 -16.60 -3.07
C ILE A 296 -20.49 -15.67 -3.32
N ASP A 297 -20.93 -15.57 -4.57
CA ASP A 297 -22.04 -14.70 -4.85
C ASP A 297 -23.30 -15.17 -4.13
N LYS A 298 -23.49 -16.48 -4.06
CA LYS A 298 -24.64 -17.05 -3.35
C LYS A 298 -24.61 -16.63 -1.88
N THR A 299 -23.42 -16.65 -1.29
CA THR A 299 -23.23 -16.17 0.08
C THR A 299 -23.54 -14.67 0.23
N VAL A 300 -23.10 -13.84 -0.71
CA VAL A 300 -23.45 -12.44 -0.68
C VAL A 300 -24.98 -12.30 -0.76
N GLY A 301 -25.61 -13.16 -1.55
CA GLY A 301 -27.06 -13.13 -1.70
C GLY A 301 -27.78 -13.49 -0.41
N GLN A 302 -27.25 -14.49 0.29
CA GLN A 302 -27.81 -14.88 1.59
C GLN A 302 -27.72 -13.69 2.53
N LEU A 303 -26.56 -13.03 2.55
CA LEU A 303 -26.41 -11.85 3.42
C LEU A 303 -27.41 -10.78 3.05
N MET A 304 -27.52 -10.46 1.77
CA MET A 304 -28.37 -9.35 1.35
C MET A 304 -29.87 -9.69 1.54
N ASP A 305 -30.26 -10.93 1.21
CA ASP A 305 -31.63 -11.41 1.49
C ASP A 305 -31.93 -11.36 2.99
N GLY A 306 -30.94 -11.75 3.80
CA GLY A 306 -31.11 -11.74 5.24
C GLY A 306 -31.28 -10.33 5.74
N LEU A 307 -30.49 -9.41 5.18
CA LEU A 307 -30.58 -8.02 5.60
C LEU A 307 -31.94 -7.43 5.23
N LYS A 308 -32.43 -7.81 4.06
CA LYS A 308 -33.71 -7.31 3.57
C LYS A 308 -34.81 -7.85 4.48
N GLN A 309 -34.69 -9.10 4.88
CA GLN A 309 -35.60 -9.69 5.85
C GLN A 309 -35.66 -8.94 7.18
N LEU A 310 -34.55 -8.31 7.54
CA LEU A 310 -34.48 -7.56 8.78
C LEU A 310 -34.75 -6.11 8.55
N LYS A 311 -35.12 -5.75 7.33
CA LYS A 311 -35.35 -4.35 6.99
C LYS A 311 -34.07 -3.52 7.18
N LEU A 312 -32.93 -4.14 6.89
CA LEU A 312 -31.63 -3.49 7.09
C LEU A 312 -30.90 -3.22 5.76
N HIS A 313 -31.51 -3.59 4.65
CA HIS A 313 -30.78 -3.54 3.37
C HIS A 313 -30.53 -2.12 2.90
N ARG A 314 -31.20 -1.15 3.51
CA ARG A 314 -30.98 0.24 3.16
C ARG A 314 -30.47 0.99 4.37
N CYS A 315 -29.93 0.23 5.32
CA CYS A 315 -29.44 0.77 6.58
C CYS A 315 -27.91 0.55 6.74
N VAL A 316 -27.43 -0.62 6.34
CA VAL A 316 -26.06 -1.05 6.59
C VAL A 316 -25.12 -0.58 5.49
N ASN A 317 -23.86 -0.31 5.85
CA ASN A 317 -22.84 -0.09 4.86
C ASN A 317 -22.10 -1.40 4.70
N VAL A 318 -21.93 -1.83 3.47
CA VAL A 318 -21.27 -3.10 3.19
C VAL A 318 -20.00 -2.82 2.41
N ILE A 319 -18.88 -3.37 2.88
CA ILE A 319 -17.63 -3.31 2.11
C ILE A 319 -17.32 -4.71 1.60
N PHE A 320 -17.14 -4.83 0.29
CA PHE A 320 -16.73 -6.08 -0.32
C PHE A 320 -15.29 -5.90 -0.73
N VAL A 321 -14.38 -6.67 -0.14
CA VAL A 321 -12.97 -6.34 -0.28
C VAL A 321 -12.09 -7.59 -0.28
N GLY A 322 -11.07 -7.60 -1.13
CA GLY A 322 -10.17 -8.73 -1.24
C GLY A 322 -8.84 -8.44 -0.55
N ASP A 323 -8.05 -9.49 -0.30
CA ASP A 323 -6.73 -9.30 0.27
C ASP A 323 -5.59 -9.22 -0.76
N HIS A 324 -5.76 -9.90 -1.90
CA HIS A 324 -4.75 -9.88 -2.96
C HIS A 324 -5.32 -10.65 -4.13
N GLY A 325 -4.62 -10.62 -5.26
CA GLY A 325 -5.03 -11.35 -6.45
C GLY A 325 -4.42 -12.73 -6.59
N MET A 326 -4.25 -13.16 -7.83
CA MET A 326 -3.84 -14.53 -8.12
C MET A 326 -3.21 -14.53 -9.49
N GLU A 327 -2.07 -15.21 -9.60
CA GLU A 327 -1.31 -15.26 -10.87
C GLU A 327 -1.18 -16.72 -11.32
N ASP A 328 -0.91 -16.92 -12.62
CA ASP A 328 -0.60 -18.26 -13.15
C ASP A 328 0.81 -18.64 -12.75
N VAL A 329 0.96 -19.66 -11.93
CA VAL A 329 2.24 -20.12 -11.44
C VAL A 329 2.21 -21.65 -11.43
N THR A 330 3.12 -22.32 -12.13
CA THR A 330 3.11 -23.78 -12.19
C THR A 330 4.46 -24.39 -11.78
N CYS A 331 4.48 -25.70 -11.55
CA CYS A 331 5.72 -26.40 -11.20
C CYS A 331 6.86 -26.09 -12.19
N ASP A 332 6.53 -26.03 -13.48
CA ASP A 332 7.55 -25.86 -14.51
C ASP A 332 8.31 -24.53 -14.47
N ARG A 333 7.79 -23.57 -13.71
CA ARG A 333 8.43 -22.27 -13.65
C ARG A 333 9.00 -22.05 -12.24
N THR A 334 9.99 -22.86 -11.87
CA THR A 334 10.66 -22.76 -10.59
C THR A 334 12.16 -22.57 -10.74
N GLU A 335 12.69 -21.47 -10.23
CA GLU A 335 14.13 -21.30 -10.10
C GLU A 335 14.63 -22.00 -8.85
N PHE A 336 15.77 -22.68 -8.95
CA PHE A 336 16.39 -23.29 -7.78
C PHE A 336 17.66 -22.60 -7.36
N LEU A 337 17.77 -22.27 -6.07
CA LEU A 337 18.97 -21.64 -5.55
C LEU A 337 20.20 -22.56 -5.67
N SER A 338 19.97 -23.87 -5.61
CA SER A 338 21.05 -24.84 -5.77
C SER A 338 21.78 -24.68 -7.11
N ASN A 339 21.11 -24.08 -8.11
CA ASN A 339 21.78 -23.77 -9.36
C ASN A 339 22.76 -22.61 -9.30
N TYR A 340 22.72 -21.86 -8.20
CA TYR A 340 23.52 -20.65 -8.08
C TYR A 340 24.50 -20.77 -6.91
N LEU A 341 24.15 -21.57 -5.91
CA LEU A 341 24.90 -21.58 -4.67
C LEU A 341 25.35 -23.00 -4.38
N THR A 342 26.51 -23.13 -3.73
CA THR A 342 27.12 -24.45 -3.60
C THR A 342 26.53 -25.27 -2.47
N ASN A 343 26.16 -24.61 -1.37
CA ASN A 343 25.65 -25.32 -0.19
C ASN A 343 24.32 -24.77 0.29
N VAL A 344 23.23 -25.07 -0.39
CA VAL A 344 21.94 -24.51 0.02
C VAL A 344 21.38 -25.20 1.26
N ASP A 345 21.94 -26.34 1.64
CA ASP A 345 21.47 -27.03 2.82
C ASP A 345 21.79 -26.25 4.09
N ASP A 346 22.64 -25.25 3.96
CA ASP A 346 23.02 -24.41 5.10
C ASP A 346 22.19 -23.11 5.27
N ILE A 347 21.23 -22.90 4.39
CA ILE A 347 20.38 -21.69 4.51
C ILE A 347 18.94 -22.12 4.64
N THR A 348 18.14 -21.23 5.24
CA THR A 348 16.71 -21.40 5.27
C THR A 348 16.15 -20.34 4.32
N LEU A 349 15.27 -20.78 3.43
CA LEU A 349 14.61 -19.90 2.49
C LEU A 349 13.11 -19.90 2.73
N VAL A 350 12.55 -18.72 2.98
CA VAL A 350 11.12 -18.52 2.79
C VAL A 350 10.93 -18.41 1.30
N PRO A 351 10.26 -19.39 0.70
CA PRO A 351 10.28 -19.57 -0.75
C PRO A 351 9.00 -19.15 -1.42
N GLY A 352 8.97 -19.36 -2.72
CA GLY A 352 7.75 -19.22 -3.50
C GLY A 352 7.77 -17.98 -4.36
N THR A 353 6.75 -17.12 -4.17
CA THR A 353 6.61 -15.94 -5.00
C THR A 353 7.38 -14.75 -4.41
N LEU A 354 8.17 -15.04 -3.38
CA LEU A 354 9.15 -14.10 -2.85
C LEU A 354 10.22 -14.98 -2.21
N GLY A 355 11.35 -14.37 -1.87
CA GLY A 355 12.38 -15.09 -1.13
C GLY A 355 12.92 -14.28 0.03
N ARG A 356 13.09 -14.93 1.19
CA ARG A 356 13.84 -14.30 2.27
C ARG A 356 14.84 -15.36 2.73
N ILE A 357 16.10 -14.97 2.88
CA ILE A 357 17.15 -15.94 3.17
C ILE A 357 17.81 -15.60 4.52
N ARG A 358 18.05 -16.62 5.34
CA ARG A 358 18.80 -16.50 6.58
C ARG A 358 19.56 -17.80 6.77
N PRO A 359 20.60 -17.81 7.60
CA PRO A 359 21.24 -19.11 7.83
C PRO A 359 20.31 -20.09 8.50
N LYS A 360 20.43 -21.36 8.14
CA LYS A 360 19.63 -22.41 8.76
C LYS A 360 19.79 -22.40 10.28
N ILE A 361 21.04 -22.29 10.72
CA ILE A 361 21.32 -22.12 12.15
C ILE A 361 21.36 -20.64 12.49
N PRO A 362 20.47 -20.19 13.39
CA PRO A 362 20.40 -18.77 13.68
C PRO A 362 21.75 -18.22 14.10
N ASN A 363 22.10 -17.08 13.51
CA ASN A 363 23.35 -16.41 13.82
C ASN A 363 24.61 -17.21 13.43
N ASN A 364 24.46 -18.18 12.54
CA ASN A 364 25.61 -18.95 12.08
C ASN A 364 26.69 -18.05 11.51
N LEU A 365 27.86 -18.10 12.13
CA LEU A 365 28.91 -17.14 11.83
C LEU A 365 29.47 -17.33 10.44
N LYS A 366 29.33 -18.53 9.86
CA LYS A 366 29.87 -18.79 8.53
C LYS A 366 28.95 -18.33 7.40
N TYR A 367 27.79 -17.79 7.78
CA TYR A 367 26.89 -17.21 6.79
C TYR A 367 27.63 -16.08 6.04
N ASP A 368 27.67 -16.14 4.71
CA ASP A 368 28.42 -15.19 3.89
C ASP A 368 27.51 -14.43 2.92
N PRO A 369 26.79 -13.42 3.43
CA PRO A 369 25.75 -12.78 2.61
C PRO A 369 26.27 -12.05 1.38
N LYS A 370 27.44 -11.40 1.47
CA LYS A 370 28.00 -10.77 0.29
C LYS A 370 28.33 -11.78 -0.80
N ALA A 371 28.87 -12.94 -0.43
CA ALA A 371 29.16 -13.98 -1.44
C ALA A 371 27.88 -14.58 -2.02
N ILE A 372 26.88 -14.79 -1.16
CA ILE A 372 25.60 -15.28 -1.64
C ILE A 372 25.02 -14.31 -2.65
N ILE A 373 24.87 -13.03 -2.30
CA ILE A 373 24.30 -12.06 -3.21
C ILE A 373 25.09 -12.01 -4.52
N ALA A 374 26.41 -12.11 -4.44
CA ALA A 374 27.21 -12.04 -5.65
C ALA A 374 26.85 -13.20 -6.60
N ASN A 375 26.66 -14.39 -6.04
CA ASN A 375 26.34 -15.59 -6.85
C ASN A 375 24.90 -15.55 -7.39
N LEU A 376 24.08 -14.66 -6.85
CA LEU A 376 22.68 -14.51 -7.29
C LEU A 376 22.41 -13.32 -8.20
N THR A 377 23.47 -12.57 -8.51
CA THR A 377 23.30 -11.34 -9.25
C THR A 377 23.60 -11.51 -10.72
N CYS A 378 22.54 -11.43 -11.53
CA CYS A 378 22.66 -11.44 -12.99
C CYS A 378 23.47 -12.61 -13.51
N LYS A 379 23.15 -13.81 -13.06
CA LYS A 379 23.94 -14.98 -13.42
C LYS A 379 23.33 -15.78 -14.57
N LYS A 380 22.04 -15.55 -14.85
CA LYS A 380 21.39 -16.13 -16.04
C LYS A 380 20.75 -15.03 -16.83
N PRO A 381 20.78 -15.13 -18.16
CA PRO A 381 20.13 -14.18 -19.05
C PRO A 381 18.64 -14.00 -18.70
N ASP A 382 17.95 -15.10 -18.46
CA ASP A 382 16.51 -15.00 -18.26
C ASP A 382 16.13 -15.06 -16.78
N GLN A 383 17.08 -14.72 -15.91
CA GLN A 383 16.92 -14.95 -14.49
C GLN A 383 15.58 -14.42 -13.96
N HIS A 384 14.84 -15.31 -13.29
CA HIS A 384 13.47 -14.96 -12.92
C HIS A 384 13.30 -14.52 -11.48
N PHE A 385 14.38 -14.00 -10.90
CA PHE A 385 14.28 -13.24 -9.63
C PHE A 385 15.44 -12.28 -9.56
N LYS A 386 15.41 -11.39 -8.59
CA LYS A 386 16.53 -10.45 -8.35
C LYS A 386 16.78 -10.29 -6.86
N PRO A 387 18.04 -10.51 -6.40
CA PRO A 387 18.36 -10.39 -4.98
C PRO A 387 18.54 -8.93 -4.61
N TYR A 388 18.08 -8.58 -3.40
CA TYR A 388 18.25 -7.25 -2.83
C TYR A 388 18.59 -7.39 -1.36
N MET A 389 19.54 -6.62 -0.88
CA MET A 389 19.58 -6.31 0.54
C MET A 389 18.31 -5.47 0.76
N LYS A 390 17.64 -5.67 1.89
CA LYS A 390 16.32 -5.06 2.06
C LYS A 390 16.31 -3.54 1.96
N GLN A 391 17.41 -2.89 2.35
CA GLN A 391 17.49 -1.43 2.21
C GLN A 391 17.47 -0.95 0.77
N HIS A 392 17.75 -1.85 -0.17
CA HIS A 392 17.76 -1.52 -1.58
C HIS A 392 16.46 -1.79 -2.29
N LEU A 393 15.52 -2.46 -1.61
CA LEU A 393 14.19 -2.67 -2.22
C LEU A 393 13.56 -1.34 -2.54
N PRO A 394 12.79 -1.26 -3.63
CA PRO A 394 12.03 -0.05 -3.94
C PRO A 394 11.34 0.46 -2.68
N LYS A 395 11.44 1.76 -2.45
CA LYS A 395 10.91 2.37 -1.25
C LYS A 395 9.39 2.30 -1.22
N ARG A 396 8.75 2.25 -2.39
CA ARG A 396 7.28 2.13 -2.42
C ARG A 396 6.79 0.84 -1.71
N LEU A 397 7.66 -0.17 -1.56
CA LEU A 397 7.25 -1.41 -0.91
C LEU A 397 7.23 -1.27 0.61
N HIS A 398 7.93 -0.26 1.13
CA HIS A 398 7.96 -0.03 2.57
C HIS A 398 8.25 -1.33 3.32
N TYR A 399 9.23 -2.09 2.82
CA TYR A 399 9.44 -3.42 3.37
C TYR A 399 10.86 -3.67 3.91
N ALA A 400 11.21 -3.00 5.00
CA ALA A 400 12.59 -3.13 5.48
C ALA A 400 12.73 -2.92 6.99
N ASN A 401 11.94 -2.00 7.54
CA ASN A 401 12.13 -1.60 8.93
C ASN A 401 11.47 -2.54 9.96
N ASN A 402 11.92 -3.79 10.02
CA ASN A 402 11.41 -4.72 10.99
C ASN A 402 12.44 -5.83 11.14
N ARG A 403 12.69 -6.27 12.38
CA ARG A 403 13.71 -7.30 12.60
C ARG A 403 13.32 -8.68 12.06
N ARG A 404 12.06 -8.87 11.69
CA ARG A 404 11.56 -10.15 11.19
C ARG A 404 11.75 -10.20 9.67
N ILE A 405 12.15 -9.09 9.06
CA ILE A 405 12.45 -9.12 7.62
C ILE A 405 13.93 -9.40 7.44
N GLU A 406 14.24 -10.56 6.90
CA GLU A 406 15.64 -10.90 6.63
C GLU A 406 16.38 -9.85 5.79
N ASP A 407 17.67 -9.66 6.05
CA ASP A 407 18.46 -8.70 5.29
C ASP A 407 18.44 -9.03 3.80
N LEU A 408 18.57 -10.31 3.47
CA LEU A 408 18.60 -10.75 2.07
C LEU A 408 17.20 -11.11 1.55
N HIS A 409 16.79 -10.46 0.47
CA HIS A 409 15.45 -10.66 -0.10
C HIS A 409 15.57 -11.03 -1.56
N LEU A 410 14.63 -11.82 -2.07
CA LEU A 410 14.56 -12.03 -3.50
C LEU A 410 13.21 -11.53 -3.99
N LEU A 411 13.23 -10.59 -4.91
CA LEU A 411 12.01 -10.19 -5.59
C LEU A 411 11.88 -11.10 -6.78
N VAL A 412 10.75 -11.80 -6.84
CA VAL A 412 10.58 -12.84 -7.86
C VAL A 412 9.72 -12.35 -9.02
N GLU A 413 10.06 -12.77 -10.24
CA GLU A 413 9.30 -12.36 -11.40
C GLU A 413 7.90 -12.97 -11.37
N ARG A 414 6.89 -12.21 -11.79
CA ARG A 414 5.53 -12.74 -11.83
C ARG A 414 5.51 -14.03 -12.68
N ARG A 415 4.68 -14.98 -12.23
CA ARG A 415 4.52 -16.30 -12.87
C ARG A 415 5.56 -17.33 -12.47
N TRP A 416 6.55 -16.92 -11.65
CA TRP A 416 7.61 -17.82 -11.20
C TRP A 416 7.64 -18.10 -9.71
N HIS A 417 8.29 -19.22 -9.36
CA HIS A 417 8.63 -19.56 -8.00
C HIS A 417 10.16 -19.62 -7.84
N VAL A 418 10.63 -19.37 -6.62
CA VAL A 418 12.03 -19.63 -6.26
C VAL A 418 12.03 -20.66 -5.12
N ALA A 419 12.89 -21.67 -5.23
CA ALA A 419 12.94 -22.71 -4.21
C ALA A 419 14.42 -22.99 -3.93
N ARG A 420 14.68 -23.67 -2.83
CA ARG A 420 16.06 -23.85 -2.40
C ARG A 420 16.74 -24.88 -3.32
N LYS A 421 16.01 -25.96 -3.64
CA LYS A 421 16.57 -27.04 -4.47
C LYS A 421 15.47 -27.95 -5.03
N PRO A 422 15.78 -28.69 -6.12
CA PRO A 422 14.75 -29.50 -6.77
C PRO A 422 14.12 -30.51 -5.84
N LEU A 423 14.89 -31.06 -4.91
CA LEU A 423 14.35 -32.00 -3.94
C LEU A 423 13.14 -31.42 -3.22
N CYS A 433 1.33 -29.93 -12.22
CA CYS A 433 1.32 -30.36 -10.83
C CYS A 433 -0.02 -30.03 -10.17
N PHE A 434 -0.06 -30.11 -8.85
CA PHE A 434 -1.30 -29.85 -8.12
C PHE A 434 -1.57 -28.36 -7.86
N PHE A 435 -0.70 -27.47 -8.34
CA PHE A 435 -1.05 -26.06 -8.29
C PHE A 435 -0.77 -25.38 -9.62
N GLN A 436 -1.61 -24.41 -9.95
CA GLN A 436 -1.47 -23.65 -11.18
C GLN A 436 -1.58 -22.17 -10.91
N GLY A 437 -1.81 -21.83 -9.63
CA GLY A 437 -1.89 -20.43 -9.26
C GLY A 437 -1.14 -20.09 -7.99
N ASP A 438 -0.64 -18.86 -7.89
CA ASP A 438 -0.08 -18.38 -6.63
C ASP A 438 0.00 -16.84 -6.62
N HIS A 439 0.40 -16.28 -5.49
CA HIS A 439 0.47 -14.83 -5.35
C HIS A 439 1.51 -14.57 -4.27
N GLY A 440 1.90 -13.31 -4.11
CA GLY A 440 2.94 -12.92 -3.15
C GLY A 440 3.89 -11.89 -3.76
N PHE A 441 3.83 -11.77 -5.08
CA PHE A 441 4.71 -10.87 -5.83
C PHE A 441 4.54 -9.39 -5.50
N ASP A 442 5.52 -8.63 -5.98
CA ASP A 442 5.52 -7.15 -5.99
C ASP A 442 4.07 -6.60 -6.14
N ASN A 443 3.67 -5.77 -5.18
CA ASN A 443 2.28 -5.31 -5.16
C ASN A 443 1.84 -4.37 -6.28
N LYS A 444 2.73 -4.00 -7.20
CA LYS A 444 2.23 -3.25 -8.35
C LYS A 444 1.89 -4.15 -9.55
N VAL A 445 2.17 -5.45 -9.41
CA VAL A 445 1.92 -6.41 -10.48
C VAL A 445 0.39 -6.55 -10.73
N ASN A 446 -0.06 -6.40 -11.97
CA ASN A 446 -1.50 -6.45 -12.25
C ASN A 446 -2.26 -7.64 -11.67
N SER A 447 -1.68 -8.82 -11.79
CA SER A 447 -2.36 -10.03 -11.36
C SER A 447 -2.57 -9.98 -9.83
N MET A 448 -1.82 -9.14 -9.14
CA MET A 448 -1.91 -9.10 -7.66
C MET A 448 -2.99 -8.15 -7.16
N GLN A 449 -3.53 -7.33 -8.06
CA GLN A 449 -4.50 -6.33 -7.63
C GLN A 449 -5.79 -7.03 -7.19
N THR A 450 -6.51 -6.38 -6.28
CA THR A 450 -7.70 -7.01 -5.71
C THR A 450 -8.90 -6.07 -5.81
N VAL A 451 -9.95 -6.37 -5.06
CA VAL A 451 -11.24 -5.73 -5.25
CA VAL A 451 -11.22 -5.68 -5.27
C VAL A 451 -11.62 -4.80 -4.11
N PHE A 452 -12.39 -3.75 -4.43
CA PHE A 452 -13.05 -2.92 -3.43
C PHE A 452 -14.38 -2.44 -3.97
N VAL A 453 -15.44 -2.66 -3.20
CA VAL A 453 -16.74 -2.09 -3.48
C VAL A 453 -17.32 -1.62 -2.15
N GLY A 454 -17.96 -0.44 -2.15
CA GLY A 454 -18.65 0.05 -0.97
C GLY A 454 -20.09 0.32 -1.35
N TYR A 455 -21.02 -0.16 -0.54
CA TYR A 455 -22.44 -0.02 -0.83
C TYR A 455 -23.17 0.34 0.45
N GLY A 456 -24.05 1.31 0.38
CA GLY A 456 -24.83 1.66 1.55
C GLY A 456 -25.02 3.14 1.62
N PRO A 457 -25.71 3.62 2.67
CA PRO A 457 -26.10 5.02 2.74
C PRO A 457 -24.90 5.97 2.74
N THR A 458 -23.78 5.50 3.26
CA THR A 458 -22.66 6.41 3.47
C THR A 458 -21.77 6.47 2.24
N PHE A 459 -21.87 5.46 1.39
CA PHE A 459 -21.11 5.47 0.14
C PHE A 459 -21.83 6.24 -0.96
N LYS A 460 -21.10 6.68 -1.96
CA LYS A 460 -21.76 7.25 -3.11
C LYS A 460 -22.54 6.21 -3.93
N TYR A 461 -23.42 6.72 -4.79
CA TYR A 461 -24.31 5.92 -5.63
C TYR A 461 -23.76 5.85 -7.06
N ARG A 462 -23.72 4.66 -7.65
CA ARG A 462 -23.24 4.48 -9.02
C ARG A 462 -22.01 5.33 -9.31
N THR A 463 -20.97 5.16 -8.50
CA THR A 463 -19.79 5.99 -8.62
C THR A 463 -18.54 5.12 -8.74
N LYS A 464 -17.68 5.45 -9.70
CA LYS A 464 -16.38 4.80 -9.86
C LYS A 464 -15.31 5.71 -9.32
N VAL A 465 -14.36 5.14 -8.59
CA VAL A 465 -13.25 5.90 -8.05
C VAL A 465 -11.93 5.32 -8.53
N PRO A 466 -10.88 6.14 -8.55
CA PRO A 466 -9.62 5.55 -9.03
C PRO A 466 -9.08 4.48 -8.06
N PRO A 467 -8.19 3.65 -8.55
CA PRO A 467 -7.60 2.65 -7.65
C PRO A 467 -6.88 3.31 -6.50
N PHE A 468 -6.86 2.62 -5.37
CA PHE A 468 -6.21 3.15 -4.19
C PHE A 468 -5.62 1.99 -3.43
N GLU A 469 -4.84 2.31 -2.40
CA GLU A 469 -4.11 1.30 -1.63
C GLU A 469 -4.88 0.86 -0.39
N ASN A 470 -4.73 -0.42 -0.04
CA ASN A 470 -5.52 -0.96 1.07
C ASN A 470 -5.17 -0.33 2.43
N ILE A 471 -4.00 0.30 2.54
CA ILE A 471 -3.61 0.98 3.79
C ILE A 471 -4.58 2.12 4.11
N GLU A 472 -5.30 2.59 3.11
CA GLU A 472 -6.16 3.75 3.25
C GLU A 472 -7.51 3.42 3.88
N LEU A 473 -7.87 2.13 3.90
CA LEU A 473 -9.23 1.74 4.26
C LEU A 473 -9.56 1.84 5.76
N TYR A 474 -8.56 1.59 6.60
CA TYR A 474 -8.79 1.67 8.04
C TYR A 474 -9.34 3.07 8.40
N ASN A 475 -8.73 4.14 7.89
CA ASN A 475 -9.23 5.48 8.16
C ASN A 475 -10.72 5.60 7.79
N VAL A 476 -11.07 5.10 6.61
CA VAL A 476 -12.44 5.18 6.07
C VAL A 476 -13.42 4.34 6.91
N MET A 477 -12.97 3.19 7.36
CA MET A 477 -13.80 2.36 8.23
C MET A 477 -13.99 3.05 9.58
N CYS A 478 -12.97 3.75 10.06
CA CYS A 478 -13.16 4.51 11.29
C CYS A 478 -14.18 5.63 11.02
N ASP A 479 -14.05 6.34 9.89
CA ASP A 479 -15.03 7.37 9.51
C ASP A 479 -16.45 6.81 9.52
N LEU A 480 -16.63 5.61 8.95
CA LEU A 480 -17.94 5.01 8.83
C LEU A 480 -18.54 4.61 10.16
N LEU A 481 -17.70 4.52 11.19
CA LEU A 481 -18.15 4.11 12.52
C LEU A 481 -18.06 5.24 13.53
N GLY A 482 -17.64 6.41 13.07
CA GLY A 482 -17.45 7.55 13.95
C GLY A 482 -16.32 7.36 14.93
N LEU A 483 -15.26 6.66 14.50
CA LEU A 483 -14.11 6.38 15.33
C LEU A 483 -12.94 7.29 14.95
N LYS A 484 -12.07 7.60 15.91
CA LYS A 484 -10.83 8.30 15.64
C LYS A 484 -9.73 7.26 15.43
N PRO A 485 -9.09 7.31 14.25
CA PRO A 485 -8.15 6.24 13.96
C PRO A 485 -6.88 6.35 14.77
N ALA A 486 -6.30 5.22 15.15
CA ALA A 486 -4.96 5.18 15.71
C ALA A 486 -3.99 5.60 14.61
N PRO A 487 -2.78 6.01 14.99
CA PRO A 487 -1.81 6.52 14.02
C PRO A 487 -1.53 5.47 12.98
N ASN A 488 -1.61 5.84 11.72
CA ASN A 488 -1.43 4.79 10.69
C ASN A 488 -0.86 5.35 9.42
N ASN A 489 -0.69 4.50 8.39
CA ASN A 489 -0.01 4.93 7.19
C ASN A 489 -0.91 5.45 6.09
N GLY A 490 -2.22 5.33 6.27
CA GLY A 490 -3.16 5.95 5.36
C GLY A 490 -2.95 7.46 5.41
N THR A 491 -3.55 8.16 4.45
CA THR A 491 -3.47 9.63 4.43
C THR A 491 -4.94 10.07 4.55
N HIS A 492 -5.31 10.55 5.73
CA HIS A 492 -6.71 10.69 6.06
C HIS A 492 -7.34 11.84 5.30
N GLY A 493 -8.36 11.52 4.48
CA GLY A 493 -8.96 12.51 3.60
C GLY A 493 -8.76 12.15 2.14
N SER A 494 -7.74 11.32 1.87
CA SER A 494 -7.41 10.95 0.50
C SER A 494 -8.51 10.11 -0.18
N LEU A 495 -9.39 9.52 0.63
CA LEU A 495 -10.53 8.74 0.12
C LEU A 495 -11.89 9.42 0.41
N ASN A 496 -11.88 10.70 0.74
CA ASN A 496 -13.16 11.38 0.99
C ASN A 496 -14.13 11.24 -0.19
N HIS A 497 -13.57 11.16 -1.40
CA HIS A 497 -14.39 11.06 -2.61
C HIS A 497 -15.18 9.75 -2.76
N LEU A 498 -14.98 8.79 -1.86
CA LEU A 498 -15.78 7.56 -1.88
C LEU A 498 -17.10 7.74 -1.13
N LEU A 499 -17.19 8.83 -0.36
CA LEU A 499 -18.26 8.95 0.62
C LEU A 499 -19.24 10.09 0.30
N ARG A 500 -20.51 9.82 0.55
CA ARG A 500 -21.58 10.82 0.47
C ARG A 500 -21.55 11.72 1.70
N THR A 501 -21.23 11.12 2.84
CA THR A 501 -21.18 11.82 4.12
C THR A 501 -20.10 11.16 4.96
N ASN A 502 -19.87 11.70 6.17
CA ASN A 502 -18.87 11.18 7.11
C ASN A 502 -17.43 11.43 6.66
N THR A 503 -17.26 12.36 5.72
CA THR A 503 -15.92 12.69 5.22
C THR A 503 -15.08 13.29 6.34
N PHE A 504 -13.75 13.23 6.20
CA PHE A 504 -12.85 13.79 7.20
C PHE A 504 -12.29 15.10 6.69
N ARG A 505 -12.43 16.18 7.47
CA ARG A 505 -11.88 17.45 7.03
C ARG A 505 -10.42 17.51 7.44
N PRO A 506 -9.51 17.42 6.46
CA PRO A 506 -8.10 17.43 6.78
C PRO A 506 -7.67 18.86 7.04
N THR A 507 -6.57 19.04 7.76
CA THR A 507 -6.02 20.37 7.94
C THR A 507 -4.57 20.37 7.49
N LEU A 508 -4.19 21.41 6.75
CA LEU A 508 -2.80 21.59 6.31
C LEU A 508 -1.84 21.54 7.48
N PRO A 509 -0.74 20.82 7.34
CA PRO A 509 0.28 20.83 8.41
C PRO A 509 0.90 22.21 8.46
N GLU A 510 1.16 22.72 9.65
CA GLU A 510 1.79 24.04 9.75
C GLU A 510 3.27 23.94 9.44
N GLU A 511 3.77 24.92 8.69
CA GLU A 511 5.19 25.03 8.40
C GLU A 511 5.97 25.31 9.67
N VAL A 512 7.08 24.61 9.84
CA VAL A 512 7.87 24.69 11.05
C VAL A 512 9.07 25.63 10.92
N SER A 513 9.66 25.65 9.72
CA SER A 513 10.83 26.49 9.46
C SER A 513 10.54 27.41 8.28
N ARG A 514 10.49 28.71 8.56
CA ARG A 514 10.40 29.72 7.52
C ARG A 514 11.76 29.92 6.86
N PRO A 515 11.77 30.20 5.55
CA PRO A 515 13.04 30.31 4.81
C PRO A 515 13.70 31.68 4.94
N ASN A 516 14.99 31.71 4.67
CA ASN A 516 15.71 32.97 4.53
C ASN A 516 15.72 33.33 3.06
N TYR A 517 15.77 34.63 2.78
CA TYR A 517 15.89 35.09 1.41
C TYR A 517 17.16 35.91 1.31
N PRO A 518 18.31 35.22 1.23
CA PRO A 518 19.62 35.90 1.25
C PRO A 518 19.90 36.64 -0.05
N GLY A 519 20.27 37.91 0.09
CA GLY A 519 20.72 38.70 -1.05
C GLY A 519 22.22 38.55 -1.10
N ILE A 520 22.87 39.26 -2.02
CA ILE A 520 24.32 39.16 -2.09
C ILE A 520 25.02 39.64 -0.83
N MET A 521 26.04 38.90 -0.43
CA MET A 521 26.71 39.18 0.83
C MET A 521 28.18 38.89 0.77
N TYR A 522 28.64 38.34 -0.34
CA TYR A 522 30.02 37.89 -0.43
C TYR A 522 30.59 38.21 -1.78
N LEU A 523 31.91 38.26 -1.84
CA LEU A 523 32.59 38.47 -3.10
C LEU A 523 33.28 37.16 -3.46
N GLN A 524 33.55 36.98 -4.74
CA GLN A 524 34.20 35.77 -5.23
C GLN A 524 35.47 35.54 -4.45
N SER A 525 36.11 36.64 -4.05
CA SER A 525 37.36 36.57 -3.31
C SER A 525 37.17 35.95 -1.94
N ASP A 526 35.94 35.96 -1.45
CA ASP A 526 35.64 35.40 -0.14
C ASP A 526 35.66 33.86 -0.15
N PHE A 527 35.70 33.27 -1.34
CA PHE A 527 35.59 31.81 -1.47
C PHE A 527 36.90 31.08 -1.77
N ASP A 528 37.15 30.02 -1.02
CA ASP A 528 38.29 29.13 -1.24
C ASP A 528 37.80 27.69 -1.21
N LEU A 529 37.20 27.23 -2.31
CA LEU A 529 36.53 25.94 -2.34
C LEU A 529 37.21 24.88 -3.19
N GLY A 530 38.11 25.31 -4.05
CA GLY A 530 38.75 24.37 -4.96
C GLY A 530 37.99 24.31 -6.28
N CYS A 531 36.96 25.13 -6.40
CA CYS A 531 36.16 25.13 -7.61
C CYS A 531 36.77 26.01 -8.69
N THR A 532 36.70 25.55 -9.94
CA THR A 532 37.12 26.36 -11.05
C THR A 532 36.06 26.34 -12.15
N CYS A 533 35.85 27.49 -12.76
CA CYS A 533 35.07 27.57 -13.97
C CYS A 533 35.92 28.30 -15.00
N ASP A 534 36.37 27.56 -16.01
CA ASP A 534 37.31 28.09 -16.98
C ASP A 534 36.62 28.90 -18.07
N ASP A 535 35.61 29.67 -17.67
CA ASP A 535 34.96 30.66 -18.54
C ASP A 535 33.74 31.26 -17.85
N GLY A 550 10.49 39.16 -9.65
CA GLY A 550 9.97 37.95 -10.27
C GLY A 550 10.77 37.65 -11.52
N SER A 551 10.27 36.73 -12.33
CA SER A 551 9.02 36.04 -12.09
C SER A 551 9.43 34.60 -12.14
N THR A 552 10.33 34.23 -11.24
CA THR A 552 10.89 32.91 -11.21
C THR A 552 9.88 32.02 -10.51
N GLU A 553 9.34 32.53 -9.42
CA GLU A 553 8.40 31.75 -8.62
C GLU A 553 7.14 31.47 -9.42
N GLU A 554 6.84 32.34 -10.37
CA GLU A 554 5.64 32.25 -11.17
C GLU A 554 5.74 31.13 -12.19
N ARG A 555 6.89 31.06 -12.88
CA ARG A 555 7.06 30.05 -13.91
C ARG A 555 7.50 28.73 -13.30
N HIS A 556 8.22 28.79 -12.18
CA HIS A 556 8.94 27.62 -11.70
C HIS A 556 8.39 26.95 -10.42
N LEU A 557 7.60 27.67 -9.61
CA LEU A 557 6.90 27.08 -8.45
C LEU A 557 5.40 27.09 -8.60
N LEU A 558 4.87 26.25 -9.48
CA LEU A 558 3.45 26.30 -9.82
C LEU A 558 2.47 26.02 -8.67
N TYR A 559 2.92 25.34 -7.62
CA TYR A 559 1.97 24.91 -6.60
C TYR A 559 2.37 25.38 -5.21
N GLY A 560 3.11 26.48 -5.16
CA GLY A 560 3.57 27.04 -3.90
C GLY A 560 4.86 26.41 -3.46
N ARG A 561 5.58 27.09 -2.58
CA ARG A 561 6.81 26.52 -2.06
C ARG A 561 6.44 25.36 -1.14
N PRO A 562 7.26 24.30 -1.14
CA PRO A 562 7.02 23.22 -0.19
C PRO A 562 7.19 23.75 1.22
N ALA A 563 6.34 23.35 2.16
CA ALA A 563 6.54 23.75 3.55
C ALA A 563 7.52 22.79 4.21
N VAL A 564 8.44 23.34 5.02
CA VAL A 564 9.42 22.55 5.74
C VAL A 564 8.84 22.21 7.11
N LEU A 565 8.63 20.92 7.37
CA LEU A 565 7.91 20.53 8.58
C LEU A 565 8.82 20.08 9.71
N TYR A 566 10.06 20.52 9.68
CA TYR A 566 10.99 20.26 10.78
C TYR A 566 11.84 21.48 11.04
N ARG A 567 12.55 21.48 12.15
CA ARG A 567 13.38 22.63 12.53
C ARG A 567 14.73 22.59 11.83
N THR A 568 15.00 23.59 11.00
CA THR A 568 16.23 23.62 10.22
C THR A 568 16.46 25.02 9.65
N SER A 569 17.56 25.21 8.94
CA SER A 569 17.90 26.51 8.40
C SER A 569 18.14 26.41 6.90
N TYR A 570 17.35 27.14 6.12
CA TYR A 570 17.50 27.09 4.65
C TYR A 570 17.19 28.43 3.95
N ASP A 571 17.64 28.54 2.71
CA ASP A 571 17.52 29.78 1.95
C ASP A 571 16.76 29.52 0.67
N ILE A 572 15.82 30.41 0.33
CA ILE A 572 15.28 30.39 -1.02
C ILE A 572 16.31 31.00 -1.98
N LEU A 573 16.49 30.39 -3.14
CA LEU A 573 17.34 30.92 -4.18
C LEU A 573 16.58 30.96 -5.49
N TYR A 574 16.61 32.11 -6.14
CA TYR A 574 15.91 32.32 -7.41
C TYR A 574 16.86 32.29 -8.59
N HIS A 575 16.37 31.85 -9.74
CA HIS A 575 17.17 31.80 -10.95
C HIS A 575 16.25 31.92 -12.13
N THR A 576 16.80 32.33 -13.26
CA THR A 576 16.00 32.43 -14.47
C THR A 576 15.31 31.10 -14.78
N ASP A 577 16.03 30.00 -14.61
CA ASP A 577 15.54 28.68 -15.04
C ASP A 577 15.02 27.79 -13.91
N PHE A 578 15.26 28.19 -12.67
CA PHE A 578 14.88 27.33 -11.55
C PHE A 578 14.91 28.04 -10.20
N GLU A 579 14.20 27.46 -9.24
CA GLU A 579 14.22 27.96 -7.87
C GLU A 579 14.56 26.81 -6.92
N SER A 580 15.14 27.12 -5.77
CA SER A 580 15.51 26.07 -4.83
C SER A 580 15.37 26.48 -3.37
N GLY A 581 15.25 25.47 -2.52
CA GLY A 581 15.27 25.65 -1.08
C GLY A 581 16.60 25.07 -0.60
N TYR A 582 17.62 25.92 -0.52
CA TYR A 582 18.98 25.47 -0.21
C TYR A 582 19.20 25.32 1.29
N SER A 583 19.63 24.14 1.72
CA SER A 583 19.82 23.90 3.14
C SER A 583 21.22 24.31 3.56
N GLU A 584 21.31 25.19 4.55
CA GLU A 584 22.60 25.60 5.10
C GLU A 584 23.18 24.50 5.99
N ILE A 585 22.36 23.50 6.29
CA ILE A 585 22.79 22.43 7.18
C ILE A 585 23.32 21.24 6.37
N PHE A 586 22.57 20.84 5.36
CA PHE A 586 22.96 19.65 4.60
C PHE A 586 23.74 20.06 3.37
N LEU A 587 23.89 21.37 3.19
CA LEU A 587 24.81 21.92 2.20
C LEU A 587 24.43 21.63 0.77
N MET A 588 23.11 21.48 0.55
CA MET A 588 22.58 21.27 -0.78
C MET A 588 21.08 21.55 -0.70
N PRO A 589 20.43 21.71 -1.87
CA PRO A 589 18.99 21.96 -1.85
C PRO A 589 18.20 20.80 -1.21
N LEU A 590 17.16 21.12 -0.45
CA LEU A 590 16.19 20.15 0.01
C LEU A 590 15.22 19.88 -1.14
N TRP A 591 15.14 20.85 -2.03
CA TRP A 591 14.29 20.79 -3.22
C TRP A 591 14.69 21.82 -4.28
N THR A 592 14.55 21.45 -5.54
CA THR A 592 14.88 22.31 -6.67
C THR A 592 13.71 22.20 -7.59
N SER A 593 13.10 23.33 -7.94
CA SER A 593 11.85 23.33 -8.69
C SER A 593 11.97 24.09 -10.01
N TYR A 594 11.50 23.48 -11.09
CA TYR A 594 11.60 24.15 -12.40
C TYR A 594 10.57 23.66 -13.41
N THR A 595 10.26 24.52 -14.38
CA THR A 595 9.29 24.16 -15.42
C THR A 595 9.94 24.06 -16.81
N ILE A 596 9.54 23.02 -17.55
CA ILE A 596 10.04 22.78 -18.90
C ILE A 596 8.87 22.73 -19.88
N SER A 597 8.86 23.65 -20.85
CA SER A 597 7.74 23.73 -21.77
C SER A 597 7.85 22.64 -22.81
N LYS A 598 6.73 22.34 -23.43
CA LYS A 598 6.68 21.31 -24.43
C LYS A 598 7.73 21.52 -25.52
N GLN A 599 7.96 22.79 -25.86
CA GLN A 599 8.85 23.15 -26.96
C GLN A 599 10.30 23.34 -26.52
N ALA A 600 10.55 23.16 -25.23
CA ALA A 600 11.86 23.46 -24.65
C ALA A 600 13.01 22.84 -25.44
N GLU A 601 14.13 23.55 -25.49
CA GLU A 601 15.28 23.10 -26.26
C GLU A 601 16.31 22.38 -25.38
N VAL A 602 16.86 21.29 -25.92
CA VAL A 602 17.94 20.58 -25.23
C VAL A 602 19.29 21.01 -25.80
N SER A 603 20.19 21.45 -24.93
CA SER A 603 21.50 21.93 -25.37
C SER A 603 22.66 21.29 -24.60
N SER A 604 23.82 21.21 -25.25
CA SER A 604 24.98 20.53 -24.69
C SER A 604 25.59 21.32 -23.54
N ILE A 605 26.54 20.70 -22.84
CA ILE A 605 27.41 21.44 -21.95
C ILE A 605 28.71 21.71 -22.70
N PRO A 606 28.99 22.99 -22.97
CA PRO A 606 30.26 23.36 -23.66
C PRO A 606 31.47 22.74 -22.97
N GLU A 607 32.41 22.23 -23.77
CA GLU A 607 33.56 21.52 -23.25
C GLU A 607 34.38 22.32 -22.23
N HIS A 608 34.42 23.63 -22.40
CA HIS A 608 35.19 24.48 -21.49
C HIS A 608 34.50 24.65 -20.14
N LEU A 609 33.29 24.11 -20.02
CA LEU A 609 32.50 24.20 -18.80
C LEU A 609 32.29 22.83 -18.15
N THR A 610 32.84 21.80 -18.80
CA THR A 610 32.71 20.43 -18.30
C THR A 610 32.89 20.34 -16.79
N ASN A 611 33.97 20.89 -16.29
CA ASN A 611 34.26 20.83 -14.86
C ASN A 611 33.94 22.14 -14.17
N CYS A 612 33.07 22.94 -14.78
CA CYS A 612 32.76 24.23 -14.21
C CYS A 612 31.90 24.12 -12.94
N VAL A 613 32.42 24.64 -11.85
CA VAL A 613 31.61 24.86 -10.65
C VAL A 613 31.88 26.25 -10.10
N ARG A 614 30.82 26.96 -9.77
CA ARG A 614 30.92 28.38 -9.40
C ARG A 614 30.36 28.64 -8.01
N PRO A 615 31.13 29.33 -7.16
CA PRO A 615 30.64 29.76 -5.85
C PRO A 615 29.39 30.61 -6.01
N ASP A 616 28.57 30.68 -4.97
CA ASP A 616 27.31 31.38 -4.99
C ASP A 616 27.35 32.50 -3.96
N VAL A 617 27.49 33.73 -4.45
CA VAL A 617 27.73 34.88 -3.59
C VAL A 617 26.57 35.23 -2.68
N ARG A 618 25.50 34.44 -2.74
CA ARG A 618 24.36 34.64 -1.85
C ARG A 618 24.52 33.83 -0.58
N VAL A 619 25.39 32.83 -0.65
CA VAL A 619 25.54 31.87 0.44
C VAL A 619 26.97 31.80 0.92
N SER A 620 27.11 31.86 2.24
CA SER A 620 28.41 31.96 2.87
C SER A 620 29.32 30.83 2.46
N PRO A 621 30.62 31.10 2.41
CA PRO A 621 31.61 30.06 2.11
C PRO A 621 31.53 28.90 3.12
N GLY A 622 31.15 29.20 4.36
CA GLY A 622 31.08 28.18 5.39
C GLY A 622 29.88 27.25 5.24
N PHE A 623 28.87 27.70 4.50
CA PHE A 623 27.68 26.89 4.25
C PHE A 623 27.66 26.42 2.80
N SER A 624 28.83 26.16 2.23
CA SER A 624 28.93 25.72 0.84
C SER A 624 29.72 24.43 0.77
N GLN A 625 29.47 23.64 -0.27
CA GLN A 625 30.33 22.49 -0.56
C GLN A 625 31.63 23.01 -1.16
N ASN A 626 32.66 22.17 -1.15
CA ASN A 626 33.90 22.54 -1.82
C ASN A 626 34.33 21.48 -2.81
N CYS A 627 34.78 21.91 -3.98
CA CYS A 627 35.10 20.98 -5.04
C CYS A 627 36.33 20.16 -4.71
N LEU A 628 37.15 20.66 -3.79
CA LEU A 628 38.34 19.94 -3.36
C LEU A 628 38.00 18.53 -2.91
N ALA A 629 36.93 18.41 -2.12
CA ALA A 629 36.51 17.12 -1.58
C ALA A 629 36.19 16.15 -2.71
N TYR A 630 35.50 16.65 -3.74
CA TYR A 630 35.25 15.80 -4.89
C TYR A 630 36.55 15.46 -5.59
N LYS A 631 37.35 16.46 -5.92
CA LYS A 631 38.63 16.18 -6.56
C LYS A 631 39.38 15.05 -5.84
N ASN A 632 39.28 15.01 -4.52
CA ASN A 632 40.05 14.05 -3.72
C ASN A 632 39.42 12.67 -3.47
N ASP A 633 38.09 12.62 -3.53
CA ASP A 633 37.38 11.37 -3.27
C ASP A 633 37.42 10.52 -4.52
N LYS A 634 38.16 9.40 -4.51
CA LYS A 634 38.35 8.66 -5.76
C LYS A 634 37.09 7.93 -6.27
N GLN A 635 36.05 7.87 -5.44
CA GLN A 635 34.85 7.11 -5.79
C GLN A 635 33.62 7.97 -6.09
N MET A 636 33.55 9.14 -5.51
CA MET A 636 32.34 9.95 -5.56
C MET A 636 32.49 11.11 -6.52
N SER A 637 31.56 11.29 -7.46
CA SER A 637 31.59 12.49 -8.29
C SER A 637 30.45 13.43 -7.88
N TYR A 638 29.96 14.22 -8.82
CA TYR A 638 28.88 15.13 -8.50
C TYR A 638 27.95 15.29 -9.67
N GLY A 639 26.76 15.79 -9.38
CA GLY A 639 25.82 16.12 -10.43
C GLY A 639 25.03 17.35 -10.05
N PHE A 640 24.09 17.76 -10.90
CA PHE A 640 23.30 18.93 -10.62
C PHE A 640 21.80 18.63 -10.57
N LEU A 641 21.10 19.28 -9.66
CA LEU A 641 19.64 19.14 -9.58
C LEU A 641 18.88 19.80 -10.75
N PHE A 642 19.15 21.07 -11.05
CA PHE A 642 18.70 21.62 -12.33
C PHE A 642 19.73 21.32 -13.44
N PRO A 643 19.30 20.68 -14.53
CA PRO A 643 20.25 20.25 -15.56
C PRO A 643 20.70 21.38 -16.52
N PRO A 644 22.02 21.59 -16.65
CA PRO A 644 22.51 22.60 -17.60
C PRO A 644 21.97 22.34 -19.00
N TYR A 645 21.56 21.11 -19.26
CA TYR A 645 21.07 20.74 -20.59
C TYR A 645 19.78 21.47 -20.94
N LEU A 646 19.11 22.02 -19.93
CA LEU A 646 17.77 22.56 -20.14
C LEU A 646 17.71 24.06 -19.87
N SER A 647 18.87 24.66 -19.63
CA SER A 647 18.99 26.10 -19.47
C SER A 647 18.38 26.80 -20.68
N SER A 648 17.77 27.95 -20.43
CA SER A 648 17.01 28.67 -21.45
C SER A 648 17.92 29.36 -22.45
N SER A 649 19.14 29.68 -22.02
CA SER A 649 20.10 30.35 -22.89
C SER A 649 21.53 30.01 -22.46
N PRO A 650 22.51 30.30 -23.34
CA PRO A 650 23.90 30.05 -22.96
C PRO A 650 24.30 30.86 -21.72
N GLU A 651 23.72 32.04 -21.56
CA GLU A 651 23.98 32.88 -20.39
C GLU A 651 23.46 32.17 -19.14
N ALA A 652 22.24 31.65 -19.25
CA ALA A 652 21.52 31.06 -18.13
C ALA A 652 22.24 29.82 -17.62
N LYS A 653 22.83 29.10 -18.55
CA LYS A 653 23.53 27.84 -18.29
C LYS A 653 24.47 27.96 -17.12
N TYR A 654 25.09 29.14 -17.00
CA TYR A 654 26.07 29.39 -15.96
C TYR A 654 25.51 29.21 -14.57
N ASP A 655 24.23 29.52 -14.41
CA ASP A 655 23.56 29.34 -13.12
C ASP A 655 23.53 27.87 -12.69
N ALA A 656 23.44 26.98 -13.66
CA ALA A 656 23.29 25.56 -13.34
C ALA A 656 24.56 25.04 -12.71
N PHE A 657 25.65 25.79 -12.89
CA PHE A 657 26.96 25.34 -12.46
C PHE A 657 27.31 25.85 -11.09
N LEU A 658 26.35 26.54 -10.47
CA LEU A 658 26.56 27.03 -9.13
C LEU A 658 26.78 25.88 -8.19
N VAL A 659 27.56 26.15 -7.15
CA VAL A 659 27.89 25.16 -6.16
C VAL A 659 26.64 24.78 -5.34
N THR A 660 25.64 25.64 -5.39
CA THR A 660 24.40 25.44 -4.64
C THR A 660 23.40 24.59 -5.42
N ASN A 661 23.77 24.19 -6.62
CA ASN A 661 22.95 23.31 -7.43
C ASN A 661 23.61 21.93 -7.51
N MET A 662 24.77 21.79 -6.88
CA MET A 662 25.56 20.57 -6.99
C MET A 662 25.23 19.55 -5.90
N VAL A 663 25.20 18.27 -6.29
CA VAL A 663 24.98 17.18 -5.32
C VAL A 663 25.93 16.03 -5.56
N PRO A 664 26.31 15.32 -4.49
CA PRO A 664 27.22 14.18 -4.63
C PRO A 664 26.58 12.96 -5.25
N MET A 665 27.16 12.50 -6.35
CA MET A 665 26.62 11.36 -7.07
C MET A 665 27.75 10.41 -7.51
N TYR A 666 27.64 9.14 -7.14
CA TYR A 666 28.51 8.11 -7.70
C TYR A 666 28.41 8.15 -9.19
N PRO A 667 29.53 7.88 -9.88
CA PRO A 667 29.51 7.74 -11.33
C PRO A 667 28.41 6.76 -11.82
N ALA A 668 28.21 5.67 -11.09
CA ALA A 668 27.17 4.70 -11.47
C ALA A 668 25.83 5.38 -11.50
N PHE A 669 25.54 6.16 -10.46
CA PHE A 669 24.29 6.90 -10.42
C PHE A 669 24.21 7.97 -11.51
N LYS A 670 25.34 8.60 -11.79
CA LYS A 670 25.38 9.61 -12.82
C LYS A 670 24.93 9.08 -14.17
N ARG A 671 25.18 7.81 -14.45
CA ARG A 671 24.72 7.25 -15.72
C ARG A 671 23.22 7.38 -15.81
N VAL A 672 22.55 7.07 -14.71
CA VAL A 672 21.10 7.19 -14.65
C VAL A 672 20.65 8.65 -14.67
N TRP A 673 21.20 9.46 -13.77
CA TRP A 673 20.78 10.83 -13.60
C TRP A 673 21.00 11.66 -14.87
N THR A 674 22.12 11.50 -15.54
CA THR A 674 22.34 12.27 -16.76
C THR A 674 21.33 11.91 -17.83
N TYR A 675 21.05 10.62 -17.99
CA TYR A 675 20.06 10.22 -18.97
C TYR A 675 18.72 10.85 -18.63
N PHE A 676 18.38 10.84 -17.34
CA PHE A 676 17.14 11.45 -16.85
C PHE A 676 17.08 12.95 -17.17
N GLN A 677 18.14 13.67 -16.81
CA GLN A 677 18.22 15.12 -17.05
C GLN A 677 18.26 15.49 -18.54
N ARG A 678 18.99 14.71 -19.32
CA ARG A 678 19.26 15.05 -20.72
C ARG A 678 18.21 14.52 -21.71
N VAL A 679 17.70 13.31 -21.47
CA VAL A 679 16.79 12.68 -22.42
C VAL A 679 15.36 12.69 -21.90
N LEU A 680 15.18 12.25 -20.66
CA LEU A 680 13.85 11.93 -20.17
C LEU A 680 12.96 13.12 -19.77
N VAL A 681 13.52 14.09 -19.05
CA VAL A 681 12.72 15.23 -18.64
C VAL A 681 12.10 15.90 -19.86
N LYS A 682 12.92 16.10 -20.89
CA LYS A 682 12.42 16.66 -22.14
C LYS A 682 11.37 15.76 -22.76
N LYS A 683 11.63 14.46 -22.77
CA LYS A 683 10.67 13.50 -23.34
C LYS A 683 9.33 13.64 -22.63
N TYR A 684 9.36 13.82 -21.32
CA TYR A 684 8.13 14.00 -20.54
C TYR A 684 7.42 15.30 -20.90
N ALA A 685 8.19 16.39 -21.01
CA ALA A 685 7.63 17.68 -21.38
C ALA A 685 6.94 17.61 -22.74
N SER A 686 7.60 16.94 -23.68
CA SER A 686 7.04 16.80 -25.01
C SER A 686 5.76 15.98 -25.00
N GLU A 687 5.74 14.96 -24.14
CA GLU A 687 4.59 14.04 -24.07
C GLU A 687 3.42 14.60 -23.27
N ARG A 688 3.69 15.43 -22.26
CA ARG A 688 2.64 15.88 -21.35
C ARG A 688 2.29 17.36 -21.53
N ASN A 689 2.82 17.95 -22.60
CA ASN A 689 2.63 19.37 -22.87
C ASN A 689 3.25 20.18 -21.75
N GLY A 690 4.56 20.01 -21.58
CA GLY A 690 5.28 20.67 -20.52
C GLY A 690 5.19 19.91 -19.19
N VAL A 691 6.23 20.02 -18.37
CA VAL A 691 6.19 19.45 -17.04
C VAL A 691 6.83 20.38 -16.03
N ASN A 692 6.32 20.35 -14.81
CA ASN A 692 7.00 20.98 -13.69
C ASN A 692 7.72 19.91 -12.88
N VAL A 693 8.97 20.17 -12.55
CA VAL A 693 9.79 19.16 -11.91
C VAL A 693 10.28 19.67 -10.57
N ILE A 694 10.11 18.88 -9.51
CA ILE A 694 10.80 19.18 -8.27
C ILE A 694 11.70 17.99 -7.94
N SER A 695 13.00 18.24 -7.81
CA SER A 695 13.95 17.17 -7.54
C SER A 695 14.69 17.47 -6.26
N GLY A 696 15.28 16.44 -5.66
CA GLY A 696 16.01 16.66 -4.43
C GLY A 696 16.61 15.38 -3.90
N PRO A 697 17.36 15.50 -2.81
CA PRO A 697 18.00 14.42 -2.07
C PRO A 697 17.11 13.86 -0.99
N ILE A 698 17.34 12.58 -0.68
CA ILE A 698 16.70 11.90 0.44
C ILE A 698 17.77 11.19 1.25
N PHE A 699 17.66 11.31 2.57
CA PHE A 699 18.51 10.58 3.52
C PHE A 699 17.73 9.61 4.41
N ASP A 700 17.93 8.33 4.19
CA ASP A 700 17.25 7.33 4.98
C ASP A 700 18.21 6.17 5.27
N TYR A 701 19.29 6.46 5.98
CA TYR A 701 20.29 5.43 6.30
C TYR A 701 19.75 4.30 7.16
N ASN A 702 18.72 4.56 7.96
CA ASN A 702 18.13 3.51 8.80
C ASN A 702 16.88 2.87 8.18
N TYR A 703 16.68 3.13 6.89
CA TYR A 703 15.61 2.48 6.10
C TYR A 703 14.27 2.37 6.82
N ASN A 704 13.87 3.42 7.52
CA ASN A 704 12.54 3.42 8.14
C ASN A 704 11.51 4.25 7.35
N GLY A 705 11.90 4.72 6.16
CA GLY A 705 10.93 5.43 5.32
C GLY A 705 10.71 6.87 5.76
N LEU A 706 11.52 7.32 6.73
CA LEU A 706 11.33 8.68 7.27
C LEU A 706 12.61 9.49 7.17
N ARG A 707 12.45 10.80 6.99
CA ARG A 707 13.57 11.75 6.99
C ARG A 707 14.61 11.47 8.10
N ASP A 708 15.87 11.28 7.73
CA ASP A 708 16.91 11.10 8.76
C ASP A 708 17.18 12.44 9.47
N ILE A 709 17.50 12.35 10.75
CA ILE A 709 18.08 13.49 11.44
C ILE A 709 19.59 13.45 11.21
N GLU A 710 20.30 14.52 11.57
CA GLU A 710 21.74 14.59 11.27
C GLU A 710 22.50 13.37 11.80
N ASP A 711 22.19 12.97 13.02
CA ASP A 711 22.88 11.89 13.67
C ASP A 711 22.80 10.57 12.91
N GLU A 712 21.77 10.42 12.09
CA GLU A 712 21.49 9.14 11.44
C GLU A 712 22.20 8.96 10.12
N ILE A 713 22.72 10.06 9.59
CA ILE A 713 23.46 10.06 8.33
C ILE A 713 24.83 9.42 8.57
N LYS A 714 25.23 8.48 7.71
CA LYS A 714 26.43 7.67 7.98
C LYS A 714 27.51 7.77 6.93
N GLN A 715 27.28 8.52 5.88
CA GLN A 715 28.29 8.66 4.83
C GLN A 715 28.41 10.11 4.37
N TYR A 716 29.66 10.56 4.22
CA TYR A 716 29.98 11.93 3.77
C TYR A 716 30.99 11.87 2.63
N VAL A 717 31.07 12.94 1.85
CA VAL A 717 32.09 12.97 0.80
C VAL A 717 33.45 12.92 1.48
N GLU A 718 34.41 12.24 0.86
CA GLU A 718 35.71 12.02 1.51
C GLU A 718 36.30 13.31 2.07
N GLY A 719 36.68 13.26 3.34
CA GLY A 719 37.38 14.37 3.99
C GLY A 719 36.53 15.58 4.24
N SER A 720 35.22 15.43 4.06
CA SER A 720 34.32 16.58 4.20
C SER A 720 33.14 16.24 5.10
N SER A 721 32.31 17.26 5.35
CA SER A 721 31.05 17.09 6.06
C SER A 721 29.84 17.20 5.13
N ILE A 722 30.06 16.99 3.84
CA ILE A 722 28.96 16.94 2.87
C ILE A 722 28.28 15.59 2.91
N PRO A 723 26.99 15.56 3.31
CA PRO A 723 26.31 14.26 3.48
C PRO A 723 25.93 13.65 2.14
N VAL A 724 25.87 12.32 2.10
CA VAL A 724 25.58 11.62 0.86
C VAL A 724 24.15 11.09 0.95
N PRO A 725 23.27 11.56 0.06
CA PRO A 725 21.89 11.04 -0.02
C PRO A 725 21.87 9.55 -0.32
N THR A 726 20.93 8.83 0.29
CA THR A 726 20.70 7.41 -0.04
C THR A 726 19.86 7.27 -1.31
N HIS A 727 19.09 8.32 -1.62
CA HIS A 727 18.23 8.34 -2.79
C HIS A 727 18.10 9.75 -3.34
N TYR A 728 17.71 9.85 -4.59
CA TYR A 728 17.31 11.14 -5.16
C TYR A 728 15.88 11.03 -5.68
N TYR A 729 15.06 12.04 -5.41
CA TYR A 729 13.66 11.99 -5.84
C TYR A 729 13.42 12.99 -6.95
N SER A 730 12.36 12.74 -7.70
CA SER A 730 11.88 13.74 -8.62
C SER A 730 10.37 13.61 -8.70
N ILE A 731 9.67 14.74 -8.63
CA ILE A 731 8.22 14.75 -8.71
C ILE A 731 7.89 15.52 -9.96
N ILE A 732 7.19 14.89 -10.91
CA ILE A 732 6.96 15.50 -12.21
C ILE A 732 5.46 15.75 -12.40
N THR A 733 5.06 17.01 -12.43
CA THR A 733 3.64 17.37 -12.46
C THR A 733 3.25 18.07 -13.75
N SER A 734 2.05 17.79 -14.25
CA SER A 734 1.51 18.45 -15.43
C SER A 734 -0.01 18.56 -15.33
N CYS A 735 -0.63 19.07 -16.39
CA CYS A 735 -2.07 19.26 -16.35
C CYS A 735 -2.73 17.95 -16.74
N LEU A 736 -3.74 17.52 -15.97
CA LEU A 736 -4.41 16.25 -16.29
C LEU A 736 -5.03 16.35 -17.68
N ASP A 737 -5.56 17.54 -17.98
CA ASP A 737 -6.01 17.88 -19.32
C ASP A 737 -4.77 18.25 -20.14
N PHE A 738 -4.25 17.31 -20.92
CA PHE A 738 -2.97 17.53 -21.59
C PHE A 738 -3.04 18.62 -22.67
N THR A 739 -4.25 19.06 -23.01
CA THR A 739 -4.40 20.08 -24.04
C THR A 739 -3.98 21.43 -23.47
N GLN A 740 -3.99 21.54 -22.14
CA GLN A 740 -3.48 22.74 -21.49
C GLN A 740 -2.04 22.52 -21.05
N PRO A 741 -1.21 23.56 -21.22
CA PRO A 741 0.20 23.52 -20.81
C PRO A 741 0.31 23.44 -19.30
N ALA A 742 1.38 22.82 -18.80
CA ALA A 742 1.58 22.65 -17.36
C ALA A 742 1.50 23.97 -16.59
N ASP A 743 2.00 25.05 -17.20
CA ASP A 743 2.09 26.34 -16.51
C ASP A 743 0.78 27.13 -16.50
N LYS A 744 -0.20 26.68 -17.28
CA LYS A 744 -1.49 27.36 -17.34
C LYS A 744 -2.64 26.35 -17.20
N CYS A 745 -2.57 25.52 -16.16
CA CYS A 745 -3.56 24.46 -15.96
C CYS A 745 -4.70 24.92 -15.07
N ASP A 746 -5.92 24.77 -15.56
CA ASP A 746 -7.08 25.26 -14.83
C ASP A 746 -7.71 24.24 -13.89
N GLY A 747 -7.43 22.95 -14.11
CA GLY A 747 -8.13 21.88 -13.40
C GLY A 747 -7.21 20.89 -12.70
N PRO A 748 -7.65 19.63 -12.61
CA PRO A 748 -6.89 18.59 -11.89
C PRO A 748 -5.50 18.39 -12.48
N LEU A 749 -4.55 17.93 -11.64
CA LEU A 749 -3.17 17.70 -12.05
C LEU A 749 -2.87 16.23 -12.31
N SER A 750 -1.78 15.98 -13.01
CA SER A 750 -1.24 14.64 -13.26
C SER A 750 0.17 14.59 -12.68
N VAL A 751 0.48 13.55 -11.89
CA VAL A 751 1.80 13.49 -11.26
C VAL A 751 2.43 12.10 -11.44
N SER A 752 3.74 12.06 -11.63
CA SER A 752 4.50 10.81 -11.58
C SER A 752 5.72 11.15 -10.78
N SER A 753 6.19 10.22 -9.96
CA SER A 753 7.35 10.55 -9.11
C SER A 753 8.25 9.33 -9.01
N PHE A 754 9.49 9.57 -8.61
CA PHE A 754 10.47 8.49 -8.43
C PHE A 754 11.31 8.73 -7.19
N ILE A 755 11.80 7.63 -6.62
CA ILE A 755 12.79 7.66 -5.54
C ILE A 755 13.91 6.71 -5.98
N LEU A 756 14.97 7.26 -6.56
CA LEU A 756 16.02 6.47 -7.18
C LEU A 756 17.09 6.16 -6.13
N PRO A 757 17.50 4.89 -6.06
CA PRO A 757 18.51 4.53 -5.06
C PRO A 757 19.88 5.06 -5.47
N HIS A 758 20.59 5.63 -4.52
CA HIS A 758 21.91 6.19 -4.84
C HIS A 758 22.95 5.12 -4.48
N ARG A 759 23.36 4.35 -5.49
CA ARG A 759 24.26 3.22 -5.27
C ARG A 759 25.54 3.35 -6.08
N PRO A 760 26.63 2.75 -5.57
CA PRO A 760 27.96 2.91 -6.18
C PRO A 760 28.16 2.01 -7.40
N ASP A 761 27.19 1.14 -7.67
CA ASP A 761 27.24 0.29 -8.86
C ASP A 761 25.83 0.18 -9.44
N ASN A 762 25.71 -0.37 -10.65
CA ASN A 762 24.41 -0.64 -11.26
C ASN A 762 24.14 -2.14 -11.31
N ASP A 763 24.53 -2.85 -10.26
CA ASP A 763 24.36 -4.31 -10.24
C ASP A 763 22.88 -4.67 -10.31
N GLU A 764 22.04 -3.75 -9.84
CA GLU A 764 20.60 -4.00 -9.88
C GLU A 764 20.13 -4.16 -11.32
N SER A 765 20.80 -3.46 -12.27
CA SER A 765 20.34 -3.45 -13.66
C SER A 765 21.19 -4.38 -14.51
N CYS A 766 20.66 -5.58 -14.80
CA CYS A 766 21.47 -6.60 -15.44
C CYS A 766 21.97 -6.23 -16.83
N ASN A 767 21.31 -5.25 -17.45
CA ASN A 767 21.69 -4.84 -18.81
C ASN A 767 22.46 -3.53 -18.84
N SER A 768 23.01 -3.11 -17.70
CA SER A 768 23.59 -1.78 -17.62
C SER A 768 24.91 -1.67 -18.39
N SER A 769 25.45 -2.77 -18.89
CA SER A 769 26.66 -2.66 -19.70
C SER A 769 26.30 -1.97 -21.01
N GLU A 770 25.02 -2.04 -21.36
CA GLU A 770 24.53 -1.46 -22.60
C GLU A 770 24.31 0.04 -22.46
N ASP A 771 23.83 0.67 -23.53
CA ASP A 771 23.53 2.09 -23.51
C ASP A 771 22.36 2.36 -22.59
N GLU A 772 22.41 3.51 -21.90
CA GLU A 772 21.37 3.90 -20.96
C GLU A 772 19.96 3.75 -21.53
N SER A 773 19.84 3.87 -22.86
CA SER A 773 18.53 3.78 -23.49
C SER A 773 17.96 2.37 -23.42
N LYS A 774 18.77 1.43 -22.94
CA LYS A 774 18.38 0.03 -22.90
C LYS A 774 18.05 -0.46 -21.49
N TRP A 775 18.21 0.41 -20.49
CA TRP A 775 18.05 -0.05 -19.10
C TRP A 775 17.64 1.01 -18.07
N VAL A 776 17.93 2.28 -18.32
CA VAL A 776 17.64 3.28 -17.29
C VAL A 776 16.13 3.44 -16.98
N GLU A 777 15.30 3.52 -18.01
CA GLU A 777 13.88 3.73 -17.77
C GLU A 777 13.31 2.51 -17.00
N GLU A 778 13.82 1.33 -17.32
CA GLU A 778 13.38 0.11 -16.64
C GLU A 778 13.64 0.21 -15.14
N LEU A 779 14.84 0.69 -14.78
CA LEU A 779 15.16 0.94 -13.38
C LEU A 779 14.21 1.95 -12.76
N MET A 780 13.96 3.04 -13.46
CA MET A 780 13.12 4.09 -12.91
C MET A 780 11.71 3.60 -12.62
N LYS A 781 11.14 2.86 -13.57
CA LYS A 781 9.81 2.31 -13.39
C LYS A 781 9.70 1.46 -12.12
N MET A 782 10.76 0.72 -11.81
CA MET A 782 10.74 -0.14 -10.62
C MET A 782 10.74 0.71 -9.34
N HIS A 783 11.22 1.95 -9.47
CA HIS A 783 11.37 2.81 -8.30
C HIS A 783 10.42 4.00 -8.33
N THR A 784 9.32 3.82 -9.05
CA THR A 784 8.24 4.76 -9.00
C THR A 784 7.80 4.96 -7.56
N ALA A 785 7.20 6.10 -7.27
CA ALA A 785 6.84 6.41 -5.88
C ALA A 785 5.65 7.35 -5.79
N ARG A 786 5.00 7.38 -4.62
CA ARG A 786 3.96 8.38 -4.38
C ARG A 786 4.59 9.67 -3.86
N VAL A 787 3.95 10.81 -4.13
CA VAL A 787 4.44 12.03 -3.54
C VAL A 787 4.46 11.91 -2.00
N ARG A 788 3.46 11.23 -1.46
CA ARG A 788 3.41 11.03 -0.04
C ARG A 788 4.66 10.32 0.50
N ASP A 789 5.23 9.40 -0.28
CA ASP A 789 6.40 8.63 0.14
C ASP A 789 7.58 9.59 0.30
N ILE A 790 7.73 10.45 -0.69
CA ILE A 790 8.71 11.53 -0.65
C ILE A 790 8.52 12.48 0.55
N GLU A 791 7.27 12.82 0.86
CA GLU A 791 7.00 13.67 2.00
C GLU A 791 7.50 13.05 3.31
N HIS A 792 7.25 11.75 3.49
CA HIS A 792 7.70 11.08 4.69
C HIS A 792 9.22 11.16 4.78
N LEU A 793 9.87 10.97 3.65
CA LEU A 793 11.31 10.80 3.59
C LEU A 793 12.05 12.14 3.67
N THR A 794 11.30 13.23 3.48
CA THR A 794 11.95 14.56 3.35
C THR A 794 11.48 15.57 4.39
N GLY A 795 10.38 15.27 5.07
CA GLY A 795 9.73 16.26 5.90
C GLY A 795 9.23 17.50 5.17
N LEU A 796 9.00 17.40 3.86
CA LEU A 796 8.42 18.50 3.07
C LEU A 796 6.91 18.28 2.83
N ASP A 797 6.17 19.34 2.58
CA ASP A 797 4.74 19.23 2.27
C ASP A 797 4.45 19.94 0.98
N PHE A 798 4.00 19.19 -0.03
CA PHE A 798 3.88 19.72 -1.39
C PHE A 798 2.45 20.18 -1.75
N TYR A 799 2.31 20.88 -2.88
CA TYR A 799 1.00 21.31 -3.39
C TYR A 799 0.16 22.13 -2.40
N ARG A 800 0.75 23.10 -1.74
CA ARG A 800 -0.02 23.85 -0.74
C ARG A 800 -0.76 25.06 -1.34
N LYS A 801 -0.41 25.45 -2.57
CA LYS A 801 -1.08 26.55 -3.28
C LYS A 801 -1.63 26.10 -4.63
N THR A 802 -2.82 25.52 -4.62
CA THR A 802 -3.45 25.08 -5.86
C THR A 802 -4.89 25.59 -5.88
N SER A 803 -5.56 25.39 -7.00
CA SER A 803 -6.98 25.72 -7.13
C SER A 803 -7.88 24.53 -6.81
N ARG A 804 -7.29 23.44 -6.33
CA ARG A 804 -8.06 22.22 -6.00
C ARG A 804 -8.34 22.15 -4.50
N SER A 805 -9.27 21.28 -4.09
CA SER A 805 -9.57 21.10 -2.66
C SER A 805 -8.42 20.36 -1.98
N TYR A 806 -8.33 20.48 -0.66
CA TYR A 806 -7.27 19.78 0.05
C TYR A 806 -7.47 18.26 -0.11
N SER A 807 -8.71 17.79 -0.13
CA SER A 807 -8.98 16.36 -0.30
C SER A 807 -8.51 15.83 -1.65
N GLU A 808 -8.73 16.60 -2.71
CA GLU A 808 -8.23 16.25 -4.04
C GLU A 808 -6.70 16.17 -4.06
N ILE A 809 -6.05 17.12 -3.40
CA ILE A 809 -4.60 17.12 -3.38
C ILE A 809 -4.06 15.89 -2.64
N LEU A 810 -4.73 15.51 -1.57
CA LEU A 810 -4.35 14.30 -0.82
C LEU A 810 -4.49 13.05 -1.70
N THR A 811 -5.57 12.96 -2.47
CA THR A 811 -5.67 11.89 -3.46
C THR A 811 -4.49 11.91 -4.44
N LEU A 812 -4.15 13.10 -4.97
CA LEU A 812 -3.04 13.24 -5.89
C LEU A 812 -1.72 12.76 -5.26
N LYS A 813 -1.51 13.10 -4.00
CA LYS A 813 -0.27 12.75 -3.34
C LYS A 813 -0.15 11.26 -3.04
N THR A 814 -1.28 10.57 -2.98
CA THR A 814 -1.22 9.11 -2.76
C THR A 814 -1.13 8.30 -4.05
N TYR A 815 -1.25 8.97 -5.19
CA TYR A 815 -1.23 8.30 -6.49
C TYR A 815 0.11 7.63 -6.71
N LEU A 816 0.09 6.45 -7.33
CA LEU A 816 1.31 5.78 -7.75
C LEU A 816 1.21 5.46 -9.23
N HIS A 817 2.14 5.98 -10.03
CA HIS A 817 2.18 5.60 -11.44
C HIS A 817 2.87 4.22 -11.53
N THR A 818 2.12 3.18 -11.92
CA THR A 818 2.67 1.82 -11.86
C THR A 818 3.37 1.29 -13.11
N TYR A 819 3.07 1.86 -14.28
CA TYR A 819 3.69 1.39 -15.54
C TYR A 819 3.30 -0.03 -15.95
N GLU A 820 2.13 -0.49 -15.53
CA GLU A 820 1.69 -1.84 -15.89
C GLU A 820 0.88 -1.87 -17.18
C1 NAG B . -16.77 -27.97 36.19
C2 NAG B . -16.68 -27.91 37.71
C3 NAG B . -17.77 -28.71 38.44
C4 NAG B . -19.14 -28.46 37.81
C5 NAG B . -19.04 -28.61 36.31
C6 NAG B . -20.36 -28.29 35.60
C7 NAG B . -14.72 -27.42 39.02
C8 NAG B . -15.55 -26.28 39.56
N2 NAG B . -15.36 -28.26 38.20
O3 NAG B . -17.79 -28.38 39.81
O4 NAG B . -20.13 -29.35 38.33
O5 NAG B . -18.09 -27.72 35.79
O6 NAG B . -20.68 -26.94 35.91
O7 NAG B . -13.54 -27.53 39.33
C1 NAG B . -20.96 -28.73 39.36
C2 NAG B . -22.22 -29.57 39.56
C3 NAG B . -23.00 -29.18 40.81
C4 NAG B . -22.14 -28.90 42.03
C5 NAG B . -20.98 -27.98 41.65
C6 NAG B . -20.04 -27.67 42.83
C7 NAG B . -23.27 -30.24 37.45
C8 NAG B . -24.49 -30.06 36.58
N2 NAG B . -23.14 -29.39 38.45
O3 NAG B . -23.93 -30.20 41.12
O4 NAG B . -22.96 -28.26 42.99
O5 NAG B . -20.24 -28.52 40.56
O6 NAG B . -19.83 -28.78 43.67
O7 NAG B . -22.46 -31.13 37.20
C1 NAG C . 3.39 4.17 9.41
C2 NAG C . 4.71 4.96 9.45
C3 NAG C . 5.51 4.65 10.73
C4 NAG C . 4.61 4.79 11.96
C5 NAG C . 3.23 4.16 11.77
C6 NAG C . 2.28 4.49 12.91
C7 NAG C . 5.78 5.70 7.35
C8 NAG C . 6.74 5.32 6.26
N2 NAG C . 5.56 4.77 8.28
O3 NAG C . 6.61 5.54 10.80
O4 NAG C . 5.24 4.02 12.95
O5 NAG C . 2.62 4.54 10.56
O6 NAG C . 2.21 5.89 13.08
O7 NAG C . 5.28 6.83 7.34
C1 NAG C . 5.60 4.75 14.12
C2 NAG C . 5.71 3.74 15.26
C3 NAG C . 6.08 4.44 16.57
C4 NAG C . 7.26 5.39 16.35
C5 NAG C . 6.99 6.29 15.13
C6 NAG C . 8.15 7.25 14.89
C7 NAG C . 4.17 1.82 14.94
C8 NAG C . 2.96 1.13 15.48
N2 NAG C . 4.42 3.06 15.39
O3 NAG C . 6.30 3.48 17.58
O4 NAG C . 7.36 6.27 17.45
O5 NAG C . 6.76 5.51 13.97
O6 NAG C . 9.31 6.58 14.50
O7 NAG C . 4.87 1.20 14.13
C1 BMA C . 8.22 5.74 18.45
C2 BMA C . 9.05 6.88 19.06
C3 BMA C . 9.91 6.42 20.22
C4 BMA C . 9.12 5.52 21.17
C5 BMA C . 8.33 4.48 20.38
C6 BMA C . 7.48 3.59 21.27
O2 BMA C . 8.13 7.86 19.52
O3 BMA C . 10.44 7.52 20.94
O4 BMA C . 9.99 4.90 22.09
O5 BMA C . 7.48 5.13 19.47
O6 BMA C . 6.68 2.78 20.46
C1 MAN C . 6.11 1.71 21.25
C2 MAN C . 6.01 0.44 20.41
C3 MAN C . 5.06 0.65 19.23
C4 MAN C . 3.73 1.15 19.76
C5 MAN C . 3.94 2.37 20.65
C6 MAN C . 2.61 2.89 21.19
O2 MAN C . 5.52 -0.59 21.23
O3 MAN C . 4.84 -0.55 18.48
O4 MAN C . 2.87 1.47 18.69
O5 MAN C . 4.82 2.06 21.72
O6 MAN C . 1.95 1.89 21.95
C1 MAN C . 6.06 -0.98 17.83
C2 MAN C . 5.72 -1.71 16.53
C3 MAN C . 4.88 -2.95 16.83
C4 MAN C . 5.60 -3.79 17.87
C5 MAN C . 6.00 -2.94 19.09
C6 MAN C . 6.74 -3.77 20.13
O2 MAN C . 6.91 -2.09 15.85
O3 MAN C . 4.72 -3.74 15.67
O4 MAN C . 4.73 -4.82 18.27
O5 MAN C . 6.78 -1.85 18.67
O6 MAN C . 8.00 -4.18 19.64
C1 MAN C . 7.19 -1.18 14.77
C2 MAN C . 8.15 -1.86 13.80
C3 MAN C . 9.49 -2.04 14.46
C4 MAN C . 10.00 -0.68 14.94
C5 MAN C . 8.97 0.00 15.84
C6 MAN C . 9.41 1.40 16.28
O2 MAN C . 8.35 -1.13 12.61
O3 MAN C . 10.40 -2.60 13.53
O4 MAN C . 11.21 -0.89 15.66
O5 MAN C . 7.72 0.07 15.17
O6 MAN C . 8.71 1.75 17.45
C1 NAG D . 29.44 -19.24 -6.36
C2 NAG D . 29.62 -20.22 -5.22
C3 NAG D . 30.98 -20.94 -5.31
C4 NAG D . 31.12 -21.57 -6.68
C5 NAG D . 30.79 -20.57 -7.78
C6 NAG D . 30.74 -21.28 -9.12
C7 NAG D . 28.56 -19.71 -3.08
C8 NAG D . 28.58 -18.81 -1.89
N2 NAG D . 29.54 -19.52 -3.96
O3 NAG D . 31.08 -21.97 -4.37
O4 NAG D . 32.44 -22.07 -6.80
O5 NAG D . 29.52 -19.92 -7.58
O6 NAG D . 30.43 -20.34 -10.11
O7 NAG D . 27.65 -20.53 -3.21
C1 NAG D . 32.37 -23.48 -7.12
C2 NAG D . 33.45 -23.87 -8.13
C3 NAG D . 34.10 -25.19 -7.75
C4 NAG D . 34.58 -25.09 -6.32
C5 NAG D . 33.36 -25.01 -5.41
C6 NAG D . 33.72 -24.36 -4.07
C7 NAG D . 33.07 -23.42 -10.53
C8 NAG D . 32.17 -23.76 -11.67
N2 NAG D . 32.77 -24.05 -9.40
O3 NAG D . 35.17 -25.50 -8.63
O4 NAG D . 35.33 -26.25 -6.02
O5 NAG D . 32.26 -24.31 -5.97
O6 NAG D . 33.88 -22.96 -4.22
O7 NAG D . 34.00 -22.63 -10.68
ZN ZN E . -5.19 -14.52 0.80
ZN ZN F . -3.41 -18.01 -1.47
CA CA G . 15.26 7.45 8.32
NA NA H . 24.98 -4.39 -14.05
K K I . 35.94 12.26 -7.94
OAA NKQ J . -3.27 -17.78 0.50
OAB NKQ J . -1.75 -16.23 1.64
PAC NKQ J . -1.98 -17.81 1.32
OAD NKQ J . -0.83 -18.49 0.65
OAE NKQ J . -7.28 -18.56 6.18
OAF NKQ J . -2.56 -18.64 2.54
CAG NKQ J . -3.67 -18.04 3.21
CAH NKQ J . -4.68 -19.12 3.49
CAI NKQ J . -5.82 -18.65 4.35
OAJ NKQ J . -5.26 -17.99 5.52
CAK NKQ J . -6.31 -17.83 6.36
CAL NKQ J . -6.16 -17.17 7.72
CAM NKQ J . -7.37 -16.23 7.78
CAN NKQ J . -7.41 -15.33 9.04
CAO NKQ J . -6.03 -14.63 9.04
CAP NKQ J . -5.62 -13.51 10.07
CAQ NKQ J . -6.35 -12.15 9.96
CAR NKQ J . -5.99 -11.02 10.95
CAS NKQ J . -6.70 -9.96 10.37
CAT NKQ J . -8.03 -10.25 10.32
CAU NKQ J . -9.07 -9.49 9.83
CAV NKQ J . -9.69 -10.53 9.12
CAW NKQ J . -10.81 -10.40 8.32
CAX NKQ J . -11.39 -9.14 8.17
CAY NKQ J . -10.90 -8.47 7.05
CAZ NKQ J . -10.40 -7.16 7.16
CBA NKQ J . -10.40 -6.52 8.41
CBB NKQ J . -10.72 -5.03 8.31
OBC NKQ J . -5.41 -19.10 2.25
CAU NKQ K . -2.35 -7.30 20.90
CAV NKQ K . -3.26 -6.45 20.29
CAW NKQ K . -3.97 -6.99 19.19
CAX NKQ K . -3.71 -8.33 18.81
CAY NKQ K . -4.48 -8.70 17.70
CAZ NKQ K . -4.80 -10.00 17.21
CBA NKQ K . -4.44 -11.23 17.71
CBB NKQ K . -4.96 -12.39 16.82
S SCN L . 5.61 -14.35 3.24
C SCN L . 5.33 -16.08 3.27
N SCN L . 5.11 -17.25 3.26
S SCN M . 9.93 -18.36 8.48
C SCN M . 9.86 -19.88 7.53
N SCN M . 9.80 -20.84 6.85
C1 EDO N . -0.29 16.38 4.50
O1 EDO N . -0.42 17.32 3.42
C2 EDO N . -0.42 14.97 3.95
O2 EDO N . 0.15 14.94 2.63
C1 EDO O . -25.18 2.68 -3.15
O1 EDO O . -24.16 3.02 -2.17
C2 EDO O . -26.60 3.10 -2.75
O2 EDO O . -26.89 4.51 -2.96
C1 EDO P . 23.17 16.69 -13.23
O1 EDO P . 24.26 15.87 -13.61
C2 EDO P . 22.94 17.72 -14.31
O2 EDO P . 22.60 17.01 -15.50
C1 EDO Q . 18.06 14.97 6.05
O1 EDO Q . 17.20 13.81 6.07
C2 EDO Q . 17.31 16.16 5.47
O2 EDO Q . 16.33 16.60 6.41
C1 EDO R . -16.01 -1.16 -14.82
O1 EDO R . -15.76 0.07 -14.11
C2 EDO R . -17.43 -1.25 -15.39
O2 EDO R . -17.62 -0.33 -16.49
C1 EDO S . 24.03 6.23 0.03
O1 EDO S . 24.72 5.61 1.12
C2 EDO S . 24.97 6.36 -1.15
O2 EDO S . 25.39 5.03 -1.51
C1 EDO T . 12.02 -9.79 -10.48
O1 EDO T . 11.54 -9.85 -11.84
C2 EDO T . 12.62 -8.42 -10.18
O2 EDO T . 11.58 -7.42 -10.16
C1 EDO U . -18.88 -16.67 -17.85
O1 EDO U . -20.31 -16.55 -17.92
C2 EDO U . -18.27 -15.31 -18.16
O2 EDO U . -19.08 -14.26 -17.58
C1 EDO V . -4.56 9.20 13.02
O1 EDO V . -3.46 9.82 13.71
C2 EDO V . -4.23 9.15 11.52
O2 EDO V . -2.95 8.51 11.31
C1 EDO W . 24.96 18.06 8.07
O1 EDO W . 24.64 16.83 8.72
C2 EDO W . 26.02 17.82 7.00
O2 EDO W . 27.17 17.21 7.59
C1 EDO X . -3.77 11.68 -11.38
O1 EDO X . -3.72 10.91 -12.59
C2 EDO X . -2.37 11.72 -10.76
O2 EDO X . -1.44 11.43 -11.80
C1 EDO Y . 7.99 15.56 10.70
O1 EDO Y . 8.92 15.04 11.66
C2 EDO Y . 8.76 16.02 9.46
O2 EDO Y . 9.62 14.97 8.99
C1 EDO Z . 23.80 -20.48 -13.74
O1 EDO Z . 22.60 -21.09 -13.25
C2 EDO Z . 24.68 -20.00 -12.58
O2 EDO Z . 26.00 -19.70 -13.09
C1 EDO AA . -17.39 -19.20 -0.79
O1 EDO AA . -17.30 -20.61 -1.01
C2 EDO AA . -18.65 -18.86 -0.01
O2 EDO AA . -18.37 -17.55 0.51
C1 EDO BA . 0.97 28.02 3.27
O1 EDO BA . -0.43 27.65 3.24
C2 EDO BA . 1.75 27.23 2.23
O2 EDO BA . 3.16 27.36 2.47
C1 EDO CA . 30.30 2.97 -13.37
O1 EDO CA . 29.50 3.71 -14.29
C2 EDO CA . 30.40 3.76 -12.06
O2 EDO CA . 31.26 3.06 -11.15
C1 EDO DA . -6.38 17.13 -7.94
O1 EDO DA . -5.21 17.23 -8.70
C2 EDO DA . -7.46 17.84 -8.74
O2 EDO DA . -8.73 17.62 -8.15
C1 EDO EA . -22.82 11.79 -4.22
O1 EDO EA . -22.49 12.54 -3.05
C2 EDO EA . -23.64 10.56 -3.82
O2 EDO EA . -23.83 9.75 -4.98
C1 EDO FA . 21.40 3.55 -9.73
O1 EDO FA . 20.67 3.06 -8.60
C2 EDO FA . 22.90 3.52 -9.41
O2 EDO FA . 23.19 4.29 -8.24
C1 EDO GA . 15.14 -2.92 -12.07
O1 EDO GA . 14.38 -4.14 -12.19
C2 EDO GA . 16.44 -2.99 -12.87
O2 EDO GA . 16.30 -3.79 -14.06
C1 EDO HA . 9.08 -6.43 16.24
O1 EDO HA . 9.48 -5.08 16.05
C2 EDO HA . 8.24 -6.89 15.04
O2 EDO HA . 7.12 -6.02 14.85
#